data_9QG9
# 
_entry.id   9QG9 
# 
_audit_conform.dict_name       mmcif_pdbx.dic 
_audit_conform.dict_version    5.404 
_audit_conform.dict_location   http://mmcif.pdb.org/dictionaries/ascii/mmcif_pdbx.dic 
# 
loop_
_database_2.database_id 
_database_2.database_code 
_database_2.pdbx_database_accession 
_database_2.pdbx_DOI 
PDB   9QG9         pdb_00009qg9 10.2210/pdb9qg9/pdb 
WWPDB D_1292146249 ?            ?                   
EMDB  EMD-53129    ?            ?                   
# 
loop_
_pdbx_audit_revision_history.ordinal 
_pdbx_audit_revision_history.data_content_type 
_pdbx_audit_revision_history.major_revision 
_pdbx_audit_revision_history.minor_revision 
_pdbx_audit_revision_history.revision_date 
_pdbx_audit_revision_history.part_number 
1 'Structure model' 1 0 2025-06-04 ? 
2 'EM metadata'     1 0 2025-06-04 ? 
3 FSC               1 0 2025-06-04 ? 
4 'Half map'        1 0 2025-06-04 1 
5 'Half map'        1 0 2025-06-04 2 
6 Image             1 0 2025-06-04 ? 
7 Mask              1 0 2025-06-04 1 
8 'Primary map'     1 0 2025-06-04 ? 
9 'Structure model' 1 1 2025-07-02 ? 
# 
loop_
_pdbx_audit_revision_details.ordinal 
_pdbx_audit_revision_details.revision_ordinal 
_pdbx_audit_revision_details.data_content_type 
_pdbx_audit_revision_details.provider 
_pdbx_audit_revision_details.type 
_pdbx_audit_revision_details.description 
_pdbx_audit_revision_details.details 
1 1 'Structure model' repository 'Initial release' ? ? 
2 2 'EM metadata'     repository 'Initial release' ? ? 
3 3 FSC               repository 'Initial release' ? ? 
4 4 'Half map'        repository 'Initial release' ? ? 
5 5 'Half map'        repository 'Initial release' ? ? 
6 6 Image             repository 'Initial release' ? ? 
7 7 Mask              repository 'Initial release' ? ? 
8 8 'Primary map'     repository 'Initial release' ? ? 
# 
loop_
_pdbx_audit_revision_group.ordinal 
_pdbx_audit_revision_group.revision_ordinal 
_pdbx_audit_revision_group.data_content_type 
_pdbx_audit_revision_group.group 
1 9 'Structure model' 'Data collection'     
2 9 'Structure model' 'Database references' 
# 
loop_
_pdbx_audit_revision_category.ordinal 
_pdbx_audit_revision_category.revision_ordinal 
_pdbx_audit_revision_category.data_content_type 
_pdbx_audit_revision_category.category 
1 9 'Structure model' citation        
2 9 'Structure model' citation_author 
3 9 'Structure model' em_admin        
# 
loop_
_pdbx_audit_revision_item.ordinal 
_pdbx_audit_revision_item.revision_ordinal 
_pdbx_audit_revision_item.data_content_type 
_pdbx_audit_revision_item.item 
1  9 'Structure model' '_citation.country'                 
2  9 'Structure model' '_citation.journal_abbrev'          
3  9 'Structure model' '_citation.journal_id_ASTM'         
4  9 'Structure model' '_citation.journal_id_CSD'          
5  9 'Structure model' '_citation.journal_id_ISSN'         
6  9 'Structure model' '_citation.journal_volume'          
7  9 'Structure model' '_citation.page_first'              
8  9 'Structure model' '_citation.page_last'               
9  9 'Structure model' '_citation.pdbx_database_id_DOI'    
10 9 'Structure model' '_citation.pdbx_database_id_PubMed' 
11 9 'Structure model' '_citation.title'                   
12 9 'Structure model' '_citation.year'                    
13 9 'Structure model' '_citation_author.identifier_ORCID' 
14 9 'Structure model' '_citation_author.name'             
15 9 'Structure model' '_em_admin.last_update'             
# 
_pdbx_database_status.status_code                     REL 
_pdbx_database_status.status_code_sf                  ? 
_pdbx_database_status.status_code_mr                  ? 
_pdbx_database_status.entry_id                        9QG9 
_pdbx_database_status.recvd_initial_deposition_date   2025-03-13 
_pdbx_database_status.SG_entry                        N 
_pdbx_database_status.deposit_site                    PDBE 
_pdbx_database_status.process_site                    PDBE 
_pdbx_database_status.status_code_cs                  ? 
_pdbx_database_status.status_code_nmr_data            ? 
_pdbx_database_status.methods_development_category    ? 
_pdbx_database_status.pdb_format_compatible           Y 
# 
_pdbx_database_related.db_name        EMDB 
_pdbx_database_related.details        'MDA phage capsid' 
_pdbx_database_related.db_id          EMD-53129 
_pdbx_database_related.content_type   'associated EM volume' 
# 
_pdbx_contact_author.id                 3 
_pdbx_contact_author.email              tbharat@mrc-lmb.cam.ac.uk 
_pdbx_contact_author.name_first         Tanmay 
_pdbx_contact_author.name_last          Bharat 
_pdbx_contact_author.name_mi            'A. M.' 
_pdbx_contact_author.role               'principal investigator/group leader' 
_pdbx_contact_author.identifier_ORCID   0000-0002-0168-0277 
# 
loop_
_audit_author.name 
_audit_author.pdbx_ordinal 
_audit_author.identifier_ORCID 
'Boehning, J.'   1 0000-0002-6242-1041 
'Bharat, T.A.M.' 2 0000-0002-0168-0277 
# 
_citation.abstract                  ? 
_citation.abstract_id_CAS           ? 
_citation.book_id_ISBN              ? 
_citation.book_publisher            ? 
_citation.book_publisher_city       ? 
_citation.book_title                ? 
_citation.coordinate_linkage        ? 
_citation.country                   US 
_citation.database_id_Medline       ? 
_citation.details                   ? 
_citation.id                        primary 
_citation.journal_abbrev            Proc.Natl.Acad.Sci.USA 
_citation.journal_id_ASTM           PNASA6 
_citation.journal_id_CSD            0040 
_citation.journal_id_ISSN           1091-6490 
_citation.journal_full              ? 
_citation.journal_issue             ? 
_citation.journal_volume            122 
_citation.language                  ? 
_citation.page_first                e2420157122 
_citation.page_last                 e2420157122 
_citation.title                     
'Structure of the virulence-associated Neisseria meningitidis filamentous bacteriophage MDA Phi.' 
_citation.year                      2025 
_citation.database_id_CSD           ? 
_citation.pdbx_database_id_DOI      10.1073/pnas.2420157122 
_citation.pdbx_database_id_PubMed   40540604 
_citation.pdbx_database_id_patent   ? 
_citation.unpublished_flag          ? 
# 
loop_
_citation_author.citation_id 
_citation_author.name 
_citation_author.ordinal 
_citation_author.identifier_ORCID 
primary 'Bohning, J.'    1 ?                   
primary 'Graham, M.'     2 ?                   
primary 'Coureuil, M.'   3 0000-0001-7655-9685 
primary 'Tarafder, A.K.' 4 0000-0002-0368-6111 
primary 'Meyer, J.'      5 0000-0002-6144-927X 
primary 'Nassif, X.'     6 ?                   
primary 'Bille, E.'      7 0000-0001-9172-0510 
primary 'Bharat, T.A.M.' 8 0000-0002-0168-0277 
# 
_entity.id                         1 
_entity.type                       polymer 
_entity.src_method                 nat 
_entity.pdbx_description           'Integral membrane protein' 
_entity.formula_weight             5235.297 
_entity.pdbx_number_of_molecules   1 
_entity.pdbx_ec                    ? 
_entity.pdbx_mutation              ? 
_entity.pdbx_fragment              ? 
_entity.details                    ? 
# 
_entity_poly.entity_id                      1 
_entity_poly.type                           'polypeptide(L)' 
_entity_poly.nstd_linkage                   no 
_entity_poly.nstd_monomer                   no 
_entity_poly.pdbx_seq_one_letter_code       DGFDAAAIGTQVANVIMGFVAMVSAVGMAAITVILAIQGFKMAWSMIKSVK 
_entity_poly.pdbx_seq_one_letter_code_can   DGFDAAAIGTQVANVIMGFVAMVSAVGMAAITVILAIQGFKMAWSMIKSVK 
_entity_poly.pdbx_strand_id                 9 
_entity_poly.pdbx_target_identifier         ? 
# 
loop_
_entity_poly_seq.entity_id 
_entity_poly_seq.num 
_entity_poly_seq.mon_id 
_entity_poly_seq.hetero 
1 1  ASP n 
1 2  GLY n 
1 3  PHE n 
1 4  ASP n 
1 5  ALA n 
1 6  ALA n 
1 7  ALA n 
1 8  ILE n 
1 9  GLY n 
1 10 THR n 
1 11 GLN n 
1 12 VAL n 
1 13 ALA n 
1 14 ASN n 
1 15 VAL n 
1 16 ILE n 
1 17 MET n 
1 18 GLY n 
1 19 PHE n 
1 20 VAL n 
1 21 ALA n 
1 22 MET n 
1 23 VAL n 
1 24 SER n 
1 25 ALA n 
1 26 VAL n 
1 27 GLY n 
1 28 MET n 
1 29 ALA n 
1 30 ALA n 
1 31 ILE n 
1 32 THR n 
1 33 VAL n 
1 34 ILE n 
1 35 LEU n 
1 36 ALA n 
1 37 ILE n 
1 38 GLN n 
1 39 GLY n 
1 40 PHE n 
1 41 LYS n 
1 42 MET n 
1 43 ALA n 
1 44 TRP n 
1 45 SER n 
1 46 MET n 
1 47 ILE n 
1 48 LYS n 
1 49 SER n 
1 50 VAL n 
1 51 LYS n 
# 
_entity_src_nat.entity_id                  1 
_entity_src_nat.pdbx_src_id                1 
_entity_src_nat.pdbx_alt_source_flag       sample 
_entity_src_nat.pdbx_beg_seq_num           1 
_entity_src_nat.pdbx_end_seq_num           51 
_entity_src_nat.common_name                ? 
_entity_src_nat.pdbx_organism_scientific   'Neisseria meningitidis' 
_entity_src_nat.pdbx_ncbi_taxonomy_id      487 
_entity_src_nat.genus                      ? 
_entity_src_nat.species                    ? 
_entity_src_nat.strain                     Z5463 
_entity_src_nat.tissue                     ? 
_entity_src_nat.tissue_fraction            ? 
_entity_src_nat.pdbx_secretion             ? 
_entity_src_nat.pdbx_fragment              ? 
_entity_src_nat.pdbx_variant               ? 
_entity_src_nat.pdbx_cell_line             ? 
_entity_src_nat.pdbx_atcc                  ? 
_entity_src_nat.pdbx_cellular_location     ? 
_entity_src_nat.pdbx_organ                 ? 
_entity_src_nat.pdbx_organelle             ? 
_entity_src_nat.pdbx_cell                  ? 
_entity_src_nat.pdbx_plasmid_name          ? 
_entity_src_nat.pdbx_plasmid_details       ? 
_entity_src_nat.details                    ? 
# 
loop_
_chem_comp.id 
_chem_comp.type 
_chem_comp.mon_nstd_flag 
_chem_comp.name 
_chem_comp.pdbx_synonyms 
_chem_comp.formula 
_chem_comp.formula_weight 
ALA 'L-peptide linking' y ALANINE         ? 'C3 H7 N O2'     89.093  
ASN 'L-peptide linking' y ASPARAGINE      ? 'C4 H8 N2 O3'    132.118 
ASP 'L-peptide linking' y 'ASPARTIC ACID' ? 'C4 H7 N O4'     133.103 
GLN 'L-peptide linking' y GLUTAMINE       ? 'C5 H10 N2 O3'   146.144 
GLY 'peptide linking'   y GLYCINE         ? 'C2 H5 N O2'     75.067  
ILE 'L-peptide linking' y ISOLEUCINE      ? 'C6 H13 N O2'    131.173 
LEU 'L-peptide linking' y LEUCINE         ? 'C6 H13 N O2'    131.173 
LYS 'L-peptide linking' y LYSINE          ? 'C6 H15 N2 O2 1' 147.195 
MET 'L-peptide linking' y METHIONINE      ? 'C5 H11 N O2 S'  149.211 
PHE 'L-peptide linking' y PHENYLALANINE   ? 'C9 H11 N O2'    165.189 
SER 'L-peptide linking' y SERINE          ? 'C3 H7 N O3'     105.093 
THR 'L-peptide linking' y THREONINE       ? 'C4 H9 N O3'     119.119 
TRP 'L-peptide linking' y TRYPTOPHAN      ? 'C11 H12 N2 O2'  204.225 
VAL 'L-peptide linking' y VALINE          ? 'C5 H11 N O2'    117.146 
# 
loop_
_pdbx_poly_seq_scheme.asym_id 
_pdbx_poly_seq_scheme.entity_id 
_pdbx_poly_seq_scheme.seq_id 
_pdbx_poly_seq_scheme.mon_id 
_pdbx_poly_seq_scheme.ndb_seq_num 
_pdbx_poly_seq_scheme.pdb_seq_num 
_pdbx_poly_seq_scheme.auth_seq_num 
_pdbx_poly_seq_scheme.pdb_mon_id 
_pdbx_poly_seq_scheme.auth_mon_id 
_pdbx_poly_seq_scheme.pdb_strand_id 
_pdbx_poly_seq_scheme.pdb_ins_code 
_pdbx_poly_seq_scheme.hetero 
A 1 1  ASP 1  1  1  ASP ASP 9 . n 
A 1 2  GLY 2  2  2  GLY GLY 9 . n 
A 1 3  PHE 3  3  3  PHE PHE 9 . n 
A 1 4  ASP 4  4  4  ASP ASP 9 . n 
A 1 5  ALA 5  5  5  ALA ALA 9 . n 
A 1 6  ALA 6  6  6  ALA ALA 9 . n 
A 1 7  ALA 7  7  7  ALA ALA 9 . n 
A 1 8  ILE 8  8  8  ILE ILE 9 . n 
A 1 9  GLY 9  9  9  GLY GLY 9 . n 
A 1 10 THR 10 10 10 THR THR 9 . n 
A 1 11 GLN 11 11 11 GLN GLN 9 . n 
A 1 12 VAL 12 12 12 VAL VAL 9 . n 
A 1 13 ALA 13 13 13 ALA ALA 9 . n 
A 1 14 ASN 14 14 14 ASN ASN 9 . n 
A 1 15 VAL 15 15 15 VAL VAL 9 . n 
A 1 16 ILE 16 16 16 ILE ILE 9 . n 
A 1 17 MET 17 17 17 MET MET 9 . n 
A 1 18 GLY 18 18 18 GLY GLY 9 . n 
A 1 19 PHE 19 19 19 PHE PHE 9 . n 
A 1 20 VAL 20 20 20 VAL VAL 9 . n 
A 1 21 ALA 21 21 21 ALA ALA 9 . n 
A 1 22 MET 22 22 22 MET MET 9 . n 
A 1 23 VAL 23 23 23 VAL VAL 9 . n 
A 1 24 SER 24 24 24 SER SER 9 . n 
A 1 25 ALA 25 25 25 ALA ALA 9 . n 
A 1 26 VAL 26 26 26 VAL VAL 9 . n 
A 1 27 GLY 27 27 27 GLY GLY 9 . n 
A 1 28 MET 28 28 28 MET MET 9 . n 
A 1 29 ALA 29 29 29 ALA ALA 9 . n 
A 1 30 ALA 30 30 30 ALA ALA 9 . n 
A 1 31 ILE 31 31 31 ILE ILE 9 . n 
A 1 32 THR 32 32 32 THR THR 9 . n 
A 1 33 VAL 33 33 33 VAL VAL 9 . n 
A 1 34 ILE 34 34 34 ILE ILE 9 . n 
A 1 35 LEU 35 35 35 LEU LEU 9 . n 
A 1 36 ALA 36 36 36 ALA ALA 9 . n 
A 1 37 ILE 37 37 37 ILE ILE 9 . n 
A 1 38 GLN 38 38 38 GLN GLN 9 . n 
A 1 39 GLY 39 39 39 GLY GLY 9 . n 
A 1 40 PHE 40 40 40 PHE PHE 9 . n 
A 1 41 LYS 41 41 41 LYS LYS 9 . n 
A 1 42 MET 42 42 42 MET MET 9 . n 
A 1 43 ALA 43 43 43 ALA ALA 9 . n 
A 1 44 TRP 44 44 44 TRP TRP 9 . n 
A 1 45 SER 45 45 45 SER SER 9 . n 
A 1 46 MET 46 46 46 MET MET 9 . n 
A 1 47 ILE 47 47 47 ILE ILE 9 . n 
A 1 48 LYS 48 48 48 LYS LYS 9 . n 
A 1 49 SER 49 49 49 SER SER 9 . n 
A 1 50 VAL 50 50 50 VAL VAL 9 . n 
A 1 51 LYS 51 51 51 LYS LYS 9 . n 
# 
_cell.angle_alpha                  90.00 
_cell.angle_alpha_esd              ? 
_cell.angle_beta                   90.00 
_cell.angle_beta_esd               ? 
_cell.angle_gamma                  90.00 
_cell.angle_gamma_esd              ? 
_cell.entry_id                     9QG9 
_cell.details                      ? 
_cell.formula_units_Z              ? 
_cell.length_a                     1.00 
_cell.length_a_esd                 ? 
_cell.length_b                     1.00 
_cell.length_b_esd                 ? 
_cell.length_c                     1.00 
_cell.length_c_esd                 ? 
_cell.volume                       ? 
_cell.volume_esd                   ? 
_cell.Z_PDB                        ? 
_cell.reciprocal_angle_alpha       ? 
_cell.reciprocal_angle_beta        ? 
_cell.reciprocal_angle_gamma       ? 
_cell.reciprocal_angle_alpha_esd   ? 
_cell.reciprocal_angle_beta_esd    ? 
_cell.reciprocal_angle_gamma_esd   ? 
_cell.reciprocal_length_a          ? 
_cell.reciprocal_length_b          ? 
_cell.reciprocal_length_c          ? 
_cell.reciprocal_length_a_esd      ? 
_cell.reciprocal_length_b_esd      ? 
_cell.reciprocal_length_c_esd      ? 
_cell.pdbx_unique_axis             ? 
_cell.pdbx_esd_method              ? 
# 
_symmetry.entry_id                         9QG9 
_symmetry.cell_setting                     ? 
_symmetry.Int_Tables_number                1 
_symmetry.space_group_name_Hall            ? 
_symmetry.space_group_name_H-M             'P 1' 
_symmetry.pdbx_full_space_group_name_H-M   ? 
# 
_exptl.absorpt_coefficient_mu     ? 
_exptl.absorpt_correction_T_max   ? 
_exptl.absorpt_correction_T_min   ? 
_exptl.absorpt_correction_type    ? 
_exptl.absorpt_process_details    ? 
_exptl.entry_id                   9QG9 
_exptl.crystals_number            ? 
_exptl.details                    ? 
_exptl.method                     'ELECTRON MICROSCOPY' 
_exptl.method_details             ? 
# 
_refine.aniso_B[1][1]                            ? 
_refine.aniso_B[1][2]                            ? 
_refine.aniso_B[1][3]                            ? 
_refine.aniso_B[2][2]                            ? 
_refine.aniso_B[2][3]                            ? 
_refine.aniso_B[3][3]                            ? 
_refine.B_iso_max                                ? 
_refine.B_iso_mean                               169.057 
_refine.B_iso_min                                ? 
_refine.correlation_coeff_Fo_to_Fc               0.923 
_refine.correlation_coeff_Fo_to_Fc_free          ? 
_refine.details                                  'HYDROGENS HAVE BEEN USED IF PRESENT IN THE INPUT' 
_refine.diff_density_max                         ? 
_refine.diff_density_max_esd                     ? 
_refine.diff_density_min                         ? 
_refine.diff_density_min_esd                     ? 
_refine.diff_density_rms                         ? 
_refine.diff_density_rms_esd                     ? 
_refine.entry_id                                 9QG9 
_refine.pdbx_refine_id                           'ELECTRON MICROSCOPY' 
_refine.ls_abs_structure_details                 ? 
_refine.ls_abs_structure_Flack                   ? 
_refine.ls_abs_structure_Flack_esd               ? 
_refine.ls_abs_structure_Rogers                  ? 
_refine.ls_abs_structure_Rogers_esd              ? 
_refine.ls_d_res_high                            3.70 
_refine.ls_d_res_low                             138.43 
_refine.ls_extinction_coef                       ? 
_refine.ls_extinction_coef_esd                   ? 
_refine.ls_extinction_expression                 ? 
_refine.ls_extinction_method                     ? 
_refine.ls_goodness_of_fit_all                   ? 
_refine.ls_goodness_of_fit_all_esd               ? 
_refine.ls_goodness_of_fit_obs                   ? 
_refine.ls_goodness_of_fit_obs_esd               ? 
_refine.ls_hydrogen_treatment                    ? 
_refine.ls_matrix_type                           ? 
_refine.ls_number_constraints                    ? 
_refine.ls_number_parameters                     ? 
_refine.ls_number_reflns_all                     ? 
_refine.ls_number_reflns_obs                     24310 
_refine.ls_number_reflns_R_free                  ? 
_refine.ls_number_reflns_R_work                  ? 
_refine.ls_number_restraints                     ? 
_refine.ls_percent_reflns_obs                    100.00 
_refine.ls_percent_reflns_R_free                 ? 
_refine.ls_R_factor_all                          ? 
_refine.ls_R_factor_obs                          0.44319 
_refine.ls_R_factor_R_free                       ? 
_refine.ls_R_factor_R_free_error                 ? 
_refine.ls_R_factor_R_free_error_details         ? 
_refine.ls_R_factor_R_work                       0.44319 
_refine.ls_R_Fsqd_factor_obs                     ? 
_refine.ls_R_I_factor_obs                        ? 
_refine.ls_redundancy_reflns_all                 ? 
_refine.ls_redundancy_reflns_obs                 ? 
_refine.ls_restrained_S_all                      ? 
_refine.ls_restrained_S_obs                      ? 
_refine.ls_shift_over_esd_max                    ? 
_refine.ls_shift_over_esd_mean                   ? 
_refine.ls_structure_factor_coef                 ? 
_refine.ls_weighting_details                     ? 
_refine.ls_weighting_scheme                      ? 
_refine.ls_wR_factor_all                         ? 
_refine.ls_wR_factor_obs                         ? 
_refine.ls_wR_factor_R_free                      ? 
_refine.ls_wR_factor_R_work                      ? 
_refine.occupancy_max                            ? 
_refine.occupancy_min                            ? 
_refine.solvent_model_details                    'PARAMETERS FOR MASK CACLULATION' 
_refine.solvent_model_param_bsol                 ? 
_refine.solvent_model_param_ksol                 ? 
_refine.correlation_coeff_I_to_Fcsqd_work        ? 
_refine.correlation_coeff_I_to_Fcsqd_free        ? 
_refine.pdbx_R_complete                          ? 
_refine.ls_R_factor_gt                           ? 
_refine.ls_goodness_of_fit_gt                    ? 
_refine.ls_goodness_of_fit_ref                   ? 
_refine.ls_shift_over_su_max                     ? 
_refine.ls_shift_over_su_max_lt                  ? 
_refine.ls_shift_over_su_mean                    ? 
_refine.ls_shift_over_su_mean_lt                 ? 
_refine.pdbx_ls_sigma_I                          ? 
_refine.pdbx_ls_sigma_F                          ? 
_refine.pdbx_ls_sigma_Fsqd                       ? 
_refine.pdbx_data_cutoff_high_absF               ? 
_refine.pdbx_data_cutoff_high_rms_absF           ? 
_refine.pdbx_data_cutoff_low_absF                ? 
_refine.pdbx_isotropic_thermal_model             ? 
_refine.pdbx_ls_cross_valid_method               ? 
_refine.pdbx_method_to_determine_struct          ? 
_refine.pdbx_starting_model                      ? 
_refine.pdbx_stereochemistry_target_values       'MAXIMUM LIKELIHOOD WITH PHASES' 
_refine.pdbx_R_Free_selection_details            ? 
_refine.pdbx_stereochem_target_val_spec_case     ? 
_refine.pdbx_overall_ESU_R                       0.207 
_refine.pdbx_overall_ESU_R_Free                  ? 
_refine.pdbx_solvent_vdw_probe_radii             ? 
_refine.pdbx_solvent_ion_probe_radii             ? 
_refine.pdbx_solvent_shrinkage_radii             ? 
_refine.pdbx_real_space_R                        ? 
_refine.pdbx_density_correlation                 ? 
_refine.pdbx_pd_number_of_powder_patterns        ? 
_refine.pdbx_pd_number_of_points                 ? 
_refine.pdbx_pd_meas_number_of_points            ? 
_refine.pdbx_pd_proc_ls_prof_R_factor            ? 
_refine.pdbx_pd_proc_ls_prof_wR_factor           ? 
_refine.pdbx_pd_Marquardt_correlation_coeff      ? 
_refine.pdbx_pd_Fsqrd_R_factor                   ? 
_refine.pdbx_pd_ls_matrix_band_width             ? 
_refine.pdbx_overall_phase_error                 ? 
_refine.pdbx_overall_SU_R_free_Cruickshank_DPI   ? 
_refine.pdbx_overall_SU_R_free_Blow_DPI          ? 
_refine.pdbx_overall_SU_R_Blow_DPI               ? 
_refine.pdbx_TLS_residual_ADP_flag               ? 
_refine.pdbx_diffrn_id                           ? 
_refine.overall_SU_B                             45.100 
_refine.overall_SU_ML                            0.618 
_refine.overall_SU_R_Cruickshank_DPI             ? 
_refine.overall_SU_R_free                        ? 
_refine.overall_FOM_free_R_set                   ? 
_refine.overall_FOM_work_R_set                   ? 
_refine.pdbx_average_fsc_overall                 ? 
_refine.pdbx_average_fsc_work                    ? 
_refine.pdbx_average_fsc_free                    ? 
# 
_refine_hist.pdbx_refine_id                   'ELECTRON MICROSCOPY' 
_refine_hist.cycle_id                         1 
_refine_hist.details                          ? 
_refine_hist.d_res_high                       . 
_refine_hist.d_res_low                        . 
_refine_hist.number_atoms_solvent             ? 
_refine_hist.number_atoms_total               363 
_refine_hist.number_reflns_all                ? 
_refine_hist.number_reflns_obs                ? 
_refine_hist.number_reflns_R_free             ? 
_refine_hist.number_reflns_R_work             ? 
_refine_hist.R_factor_all                     ? 
_refine_hist.R_factor_obs                     ? 
_refine_hist.R_factor_R_free                  ? 
_refine_hist.R_factor_R_work                  ? 
_refine_hist.pdbx_number_residues_total       ? 
_refine_hist.pdbx_B_iso_mean_ligand           ? 
_refine_hist.pdbx_B_iso_mean_solvent          ? 
_refine_hist.pdbx_number_atoms_protein        ? 
_refine_hist.pdbx_number_atoms_nucleic_acid   ? 
_refine_hist.pdbx_number_atoms_ligand         ? 
_refine_hist.pdbx_number_atoms_lipid          ? 
_refine_hist.pdbx_number_atoms_carb           ? 
_refine_hist.pdbx_pseudo_atom_details         ? 
# 
loop_
_refine_ls_restr.pdbx_refine_id 
_refine_ls_restr.criterion 
_refine_ls_restr.dev_ideal 
_refine_ls_restr.dev_ideal_target 
_refine_ls_restr.number 
_refine_ls_restr.rejects 
_refine_ls_restr.type 
_refine_ls_restr.weight 
_refine_ls_restr.pdbx_restraint_function 
'ELECTRON MICROSCOPY' ? 0.006  0.012  367 ? r_bond_refined_d             ? ? 
'ELECTRON MICROSCOPY' ? 0.001  0.015  382 ? r_bond_other_d               ? ? 
'ELECTRON MICROSCOPY' ? 1.581  1.705  494 ? r_angle_refined_deg          ? ? 
'ELECTRON MICROSCOPY' ? 0.705  1.707  871 ? r_angle_other_deg            ? ? 
'ELECTRON MICROSCOPY' ? 9.427  5.000  50  ? r_dihedral_angle_1_deg       ? ? 
'ELECTRON MICROSCOPY' ? ?      ?      ?   ? r_dihedral_angle_2_deg       ? ? 
'ELECTRON MICROSCOPY' ? 14.977 10.000 64  ? r_dihedral_angle_3_deg       ? ? 
'ELECTRON MICROSCOPY' ? ?      ?      ?   ? r_dihedral_angle_4_deg       ? ? 
'ELECTRON MICROSCOPY' ? 0.091  0.200  62  ? r_chiral_restr               ? ? 
'ELECTRON MICROSCOPY' ? 0.007  0.020  413 ? r_gen_planes_refined         ? ? 
'ELECTRON MICROSCOPY' ? 0.004  0.020  77  ? r_gen_planes_other           ? ? 
'ELECTRON MICROSCOPY' ? ?      ?      ?   ? r_nbd_refined                ? ? 
'ELECTRON MICROSCOPY' ? ?      ?      ?   ? r_nbd_other                  ? ? 
'ELECTRON MICROSCOPY' ? ?      ?      ?   ? r_nbtor_refined              ? ? 
'ELECTRON MICROSCOPY' ? ?      ?      ?   ? r_nbtor_other                ? ? 
'ELECTRON MICROSCOPY' ? ?      ?      ?   ? r_xyhbond_nbd_refined        ? ? 
'ELECTRON MICROSCOPY' ? ?      ?      ?   ? r_xyhbond_nbd_other          ? ? 
'ELECTRON MICROSCOPY' ? ?      ?      ?   ? r_metal_ion_refined          ? ? 
'ELECTRON MICROSCOPY' ? ?      ?      ?   ? r_metal_ion_other            ? ? 
'ELECTRON MICROSCOPY' ? ?      ?      ?   ? r_symmetry_vdw_refined       ? ? 
'ELECTRON MICROSCOPY' ? ?      ?      ?   ? r_symmetry_vdw_other         ? ? 
'ELECTRON MICROSCOPY' ? ?      ?      ?   ? r_symmetry_hbond_refined     ? ? 
'ELECTRON MICROSCOPY' ? ?      ?      ?   ? r_symmetry_hbond_other       ? ? 
'ELECTRON MICROSCOPY' ? ?      ?      ?   ? r_symmetry_metal_ion_refined ? ? 
'ELECTRON MICROSCOPY' ? ?      ?      ?   ? r_symmetry_metal_ion_other   ? ? 
'ELECTRON MICROSCOPY' ? 13.470 16.617 203 ? r_mcbond_it                  ? ? 
'ELECTRON MICROSCOPY' ? 13.428 16.621 203 ? r_mcbond_other               ? ? 
'ELECTRON MICROSCOPY' ? 23.407 29.665 252 ? r_mcangle_it                 ? ? 
'ELECTRON MICROSCOPY' ? 23.361 29.729 253 ? r_mcangle_other              ? ? 
'ELECTRON MICROSCOPY' ? 11.574 17.775 164 ? r_scbond_it                  ? ? 
'ELECTRON MICROSCOPY' ? 11.539 17.847 165 ? r_scbond_other               ? ? 
'ELECTRON MICROSCOPY' ? ?      ?      ?   ? r_scangle_it                 ? ? 
'ELECTRON MICROSCOPY' ? 21.943 32.584 243 ? r_scangle_other              ? ? 
'ELECTRON MICROSCOPY' ? 33.346 174.92 462 ? r_long_range_B_refined       ? ? 
'ELECTRON MICROSCOPY' ? 33.314 175.08 463 ? r_long_range_B_other         ? ? 
'ELECTRON MICROSCOPY' ? ?      ?      ?   ? r_rigid_bond_restr           ? ? 
'ELECTRON MICROSCOPY' ? ?      ?      ?   ? r_sphericity_free            ? ? 
'ELECTRON MICROSCOPY' ? ?      ?      ?   ? r_sphericity_bonded          ? ? 
# 
_refine_ls_shell.pdbx_refine_id                      'ELECTRON MICROSCOPY' 
_refine_ls_shell.d_res_high                          3.700 
_refine_ls_shell.d_res_low                           3.796 
_refine_ls_shell.number_reflns_all                   ? 
_refine_ls_shell.number_reflns_obs                   ? 
_refine_ls_shell.number_reflns_R_free                0 
_refine_ls_shell.number_reflns_R_work                1733 
_refine_ls_shell.percent_reflns_obs                  100.00 
_refine_ls_shell.percent_reflns_R_free               ? 
_refine_ls_shell.R_factor_all                        ? 
_refine_ls_shell.R_factor_obs                        ? 
_refine_ls_shell.R_factor_R_free_error               ? 
_refine_ls_shell.R_factor_R_work                     0.628 
_refine_ls_shell.redundancy_reflns_all               ? 
_refine_ls_shell.redundancy_reflns_obs               ? 
_refine_ls_shell.wR_factor_all                       ? 
_refine_ls_shell.wR_factor_obs                       ? 
_refine_ls_shell.wR_factor_R_free                    ? 
_refine_ls_shell.wR_factor_R_work                    ? 
_refine_ls_shell.pdbx_R_complete                     ? 
_refine_ls_shell.correlation_coeff_Fo_to_Fc          ? 
_refine_ls_shell.correlation_coeff_Fo_to_Fc_free     ? 
_refine_ls_shell.correlation_coeff_I_to_Fcsqd_work   ? 
_refine_ls_shell.correlation_coeff_I_to_Fcsqd_free   ? 
_refine_ls_shell.pdbx_total_number_of_bins_used      20 
_refine_ls_shell.pdbx_phase_error                    ? 
_refine_ls_shell.pdbx_fsc_work                       ? 
_refine_ls_shell.pdbx_fsc_free                       ? 
_refine_ls_shell.R_factor_R_free                     0.000 
# 
loop_
_struct_ncs_oper.id 
_struct_ncs_oper.code 
_struct_ncs_oper.details 
_struct_ncs_oper.matrix[1][1] 
_struct_ncs_oper.matrix[1][2] 
_struct_ncs_oper.matrix[1][3] 
_struct_ncs_oper.matrix[2][1] 
_struct_ncs_oper.matrix[2][2] 
_struct_ncs_oper.matrix[2][3] 
_struct_ncs_oper.matrix[3][1] 
_struct_ncs_oper.matrix[3][2] 
_struct_ncs_oper.matrix[3][3] 
_struct_ncs_oper.vector[1] 
_struct_ncs_oper.vector[2] 
_struct_ncs_oper.vector[3] 
1 given    ? 1.000000   0.000000    0.000000    0.000000    1.000000   0.000000    0.000000    0.000000    1.000000   0.00000  0.00000   0.00000   
2 generate ? 0.75239113 0.24678261  -0.61074141 -0.34601582 0.93701798 -0.04764590 0.56051741  0.24717489  0.79039488 17.76711 -9.01197  -5.43049  
3 generate ? 0.87474950 -0.24355257 0.41892257  0.19335643  0.96814117 0.15911046  -0.44432788 -0.05818070 0.89397333 -5.02842 -16.97010 -1.04378  
4 generate ? 0.97723999 0.09120680  -0.19152697 -0.10032823 0.99421074 -0.03845849 0.18691042  0.05679903  0.98073327 10.43320 -23.12363 -13.26862 
5 generate ? 0.59635351 0.27928807  -0.75256946 -0.44105586 0.89732811 -0.01649310 0.67069542  0.34176084  0.65830638 28.01407 -33.65724 -15.78526 
# 
_struct.entry_id                     9QG9 
_struct.title                        'MDA phage capsid' 
_struct.pdbx_model_details           ? 
_struct.pdbx_formula_weight          ? 
_struct.pdbx_formula_weight_method   ? 
_struct.pdbx_model_type_details      ? 
_struct.pdbx_CASP_flag               N 
# 
_struct_keywords.entry_id        9QG9 
_struct_keywords.text            
'bacteriophage, capsid, neisseria, MCP, major capsid protein, filamentous bacteriophage, inovirus, VIRUS' 
_struct_keywords.pdbx_keywords   VIRUS 
# 
_struct_asym.id                            A 
_struct_asym.pdbx_blank_PDB_chainid_flag   N 
_struct_asym.pdbx_modified                 N 
_struct_asym.entity_id                     1 
_struct_asym.details                       ? 
# 
_struct_ref.id                         1 
_struct_ref.db_name                    UNP 
_struct_ref.db_code                    A0A0U1RJP7_NEIMA 
_struct_ref.pdbx_db_accession          A0A0U1RJP7 
_struct_ref.pdbx_db_isoform            ? 
_struct_ref.entity_id                  1 
_struct_ref.pdbx_seq_one_letter_code   DGFDAAAIGTQVANVIMGFVAMVSAVGMAAITVILAIQGFKMAWSMIKSVK 
_struct_ref.pdbx_align_begin           26 
# 
_struct_ref_seq.align_id                      1 
_struct_ref_seq.ref_id                        1 
_struct_ref_seq.pdbx_PDB_id_code              9QG9 
_struct_ref_seq.pdbx_strand_id                9 
_struct_ref_seq.seq_align_beg                 1 
_struct_ref_seq.pdbx_seq_align_beg_ins_code   ? 
_struct_ref_seq.seq_align_end                 51 
_struct_ref_seq.pdbx_seq_align_end_ins_code   ? 
_struct_ref_seq.pdbx_db_accession             A0A0U1RJP7 
_struct_ref_seq.db_align_beg                  26 
_struct_ref_seq.pdbx_db_align_beg_ins_code    ? 
_struct_ref_seq.db_align_end                  76 
_struct_ref_seq.pdbx_db_align_end_ins_code    ? 
_struct_ref_seq.pdbx_auth_seq_align_beg       1 
_struct_ref_seq.pdbx_auth_seq_align_end       51 
# 
_pdbx_struct_assembly.id                   1 
_pdbx_struct_assembly.details              author_and_software_defined_assembly 
_pdbx_struct_assembly.method_details       ? 
_pdbx_struct_assembly.oligomeric_details   55-meric 
_pdbx_struct_assembly.oligomeric_count     55 
# 
_pdbx_struct_assembly_gen.assembly_id       1 
_pdbx_struct_assembly_gen.oper_expression   
;1,2,3,4,5,6,7,8,9,10,11,12,13,14,15,16,17,18,19,20,21,22,23,24,25,26,27,28,29,30,31,32,33,34,35,36,37,38,39,40,41,42,43,44,45,46,47,48,49,50,51,52,53,54,55
;
_pdbx_struct_assembly_gen.asym_id_list      A 
# 
_pdbx_struct_assembly_auth_evidence.id                     1 
_pdbx_struct_assembly_auth_evidence.assembly_id            1 
_pdbx_struct_assembly_auth_evidence.experimental_support   'electron microscopy' 
_pdbx_struct_assembly_auth_evidence.details                'not applicable' 
# 
loop_
_pdbx_struct_oper_list.id 
_pdbx_struct_oper_list.type 
_pdbx_struct_oper_list.name 
_pdbx_struct_oper_list.symmetry_operation 
_pdbx_struct_oper_list.matrix[1][1] 
_pdbx_struct_oper_list.matrix[1][2] 
_pdbx_struct_oper_list.matrix[1][3] 
_pdbx_struct_oper_list.vector[1] 
_pdbx_struct_oper_list.matrix[2][1] 
_pdbx_struct_oper_list.matrix[2][2] 
_pdbx_struct_oper_list.matrix[2][3] 
_pdbx_struct_oper_list.vector[2] 
_pdbx_struct_oper_list.matrix[3][1] 
_pdbx_struct_oper_list.matrix[3][2] 
_pdbx_struct_oper_list.matrix[3][3] 
_pdbx_struct_oper_list.vector[3] 
1  'point symmetry operation' 1_555 x,y,z -0.52265202 0.04754876  -0.85121915 37.46981  -0.65777593 0.61269684 0.43810208  -41.94340 0.54237050  0.78888638  -0.28895082 5.28934   
2  'point symmetry operation' ?     ?     0.59635351  0.27928807  -0.75256946 28.01412  -0.44105586 0.89732811 -0.01649310 -33.65724 0.67069542  0.34176084  0.65830638  -15.78523 
3  'point symmetry operation' ?     ?     0.95757678  -0.13856488 0.25267963  4.17151   0.12156309  0.98920919 0.08177848  -39.45090 -0.26128458 -0.04759287 0.96408803  -16.19585 
4  'point symmetry operation' ?     ?     0.06181888  -0.62855141 0.77530752  -1.10859  0.25256031  0.76136339 0.59710897  -51.31786 -0.96560443 0.15889922  0.20581373  4.62504   
5  'point symmetry operation' ?     ?     -0.85301200 -0.51352658 0.09306041  19.47114  -0.22909764 0.52866617 0.81732868  -52.85832 -0.46891797 0.67587155  -0.56860617 17.90377  
6  'point symmetry operation' ?     ?     0.13837069  0.26595737  -0.95400245 32.22762  -0.61126911 0.78083518 0.12902174  -23.34542 0.77923300  0.56529923  0.27061614  -1.99122  
7  'point symmetry operation' ?     ?     0.97723999  0.09120680  -0.19152697 10.43324  -0.10032823 0.99421074 -0.03845849 -23.12361 0.18691042  0.05679903  0.98073327  -13.26862 
8  'point symmetry operation' ?     ?     0.53195472  -0.47321372 0.70220540  -5.73134  0.28563708  0.88094757 0.37728331  -34.53801 -0.79714183 -0.00012152 0.60379171  1.24483   
9  'point symmetry operation' ?     ?     -0.58211573 -0.64729476 0.49208815  6.07296   0.01323656  0.59757159 0.80170629  -41.81406 -0.81299818 0.47319941  -0.33928786 21.49168  
10 'point symmetry operation' ?     ?     -0.82536451 -0.19046173 -0.53150518 29.53270  -0.54108232 0.53569861 0.64827226  -34.89678 0.16125553  0.82264897  -0.54520210 19.49182  
11 'point symmetry operation' ?     ?     0.75239113  0.24678261  -0.61074141 17.76709  -0.34601582 0.93701798 -0.04764590 -9.01196  0.56051741  0.24717489  0.79039488  -5.43052  
12 'point symmetry operation' ?     ?     0.87474950  -0.24355257 0.41892257  -5.02837  0.19335643  0.96814117 0.15911046  -16.97009 -0.44432788 -0.05818070 0.89397333  -1.04377  
13 'point symmetry operation' ?     ?     -0.14540877 -0.66093205 0.73622356  -5.10606  0.20189115  0.70865277 0.67605563  -28.06737 -0.96855370 0.24694143  0.03039200  20.84375  
14 'point symmetry operation' ?     ?     -0.89825880 -0.42855159 -0.09733719 17.64170  -0.33220601 0.51715715 0.78878870  -26.96764 -0.28769804 0.74087245  -0.60690835 29.98419  
15 'point symmetry operation' ?     ?     -0.34338791 0.13244713  -0.92980772 31.77806  -0.67083134 0.65829462 0.34151644  -15.19082 0.65732028  0.74101682  -0.13720071 13.74594  
16 'identity operation'       1_555 x,y,z 1.000000    0.000000    0.000000    0.00000   0.000000    1.000000   0.000000    0.00000   0.000000    0.000000    1.000000    0.00000   
17 'point symmetry operation' ?     ?     0.34219595  -0.55085048 0.76122701  -11.93879 0.28722498  0.83268036 0.47344002  -11.99815 -0.89465335 0.05663380  0.44315769  17.76849  
18 'point symmetry operation' ?     ?     -0.72215338 -0.60406958 0.33703734  4.11092   -0.08611095 0.56195149 0.82267573  -17.00571 -0.68635205 0.56507556  -0.45783211 35.64462  
19 'point symmetry operation' ?     ?     -0.72215338 -0.08611095 -0.68635205 25.96909  -0.60406958 0.56195149 0.56507556  -8.10216  0.33703734  0.82267573  -0.45783211 28.92375  
20 'point symmetry operation' ?     ?     0.34219595  0.28722498  -0.89465335 23.42834  -0.55085048 0.83268036 0.05663380  2.40780   0.76122701  0.47344002  0.44315769  6.89443   
21 'point symmetry operation' ?     ?     0.75239113  -0.34601582 0.56051741  -13.44247 0.24678261  0.93701798 0.24717489  5.40196   -0.61074141 -0.04764590 0.79039488  14.71399  
22 'point symmetry operation' ?     ?     -0.34338791 -0.67083134 0.65732028  -8.31385  0.13244713  0.65829462 0.74101682  -4.39490  -0.92980772 0.34151644  -0.13720071 36.62142  
23 'point symmetry operation' ?     ?     -0.89825880 -0.33220601 -0.28769804 15.51433  -0.42855159 0.51715715 0.74087245  -0.70773  -0.09733719 0.78878870  -0.60690835 41.18689  
24 'point symmetry operation' ?     ?     -0.14540877 0.20189115  -0.96855370 25.11240  -0.66093205 0.70865277 0.24694143  11.36807  0.73622356  0.67605563  0.03039200  22.10086  
25 'point symmetry operation' ?     ?     0.87474950  0.19335643  -0.44432788 7.21626   -0.24355257 0.96814117 -0.05818070 15.14404  0.41892257  0.15911046  0.89397333  5.73983   
26 'point symmetry operation' ?     ?     0.13837069  -0.61126911 0.77923300  -17.17799 0.26595737  0.78083518 0.56529923  10.78342  -0.95400245 0.12902174  0.27061614  34.29611  
27 'point symmetry operation' ?     ?     -0.82536451 -0.54108232 0.16125553  2.35012   -0.19046173 0.53569861 0.82264897  8.28416   -0.53150518 0.64827226  -0.54520210 48.94625  
28 'point symmetry operation' ?     ?     -0.58211573 0.01323656  -0.81299818 21.56141  -0.64729476 0.59757159 0.47319941  18.74788  0.49208815  0.80170629  -0.33928786 37.82640  
29 'point symmetry operation' ?     ?     0.53195472  0.28563708  -0.79714183 13.90634  -0.47321372 0.88094757 -0.00012152 27.71421  0.70220540  0.37728331  0.60379171  16.30346  
30 'point symmetry operation' ?     ?     0.97723999  -0.10032823 0.18691042  -10.03592 0.09120680  0.99421074 0.05679903  22.79177  -0.19152697 -0.03845849 0.98073327  14.12189  
31 'point symmetry operation' ?     ?     -0.52265202 -0.65777593 0.54237050  -10.87468 0.04754876  0.61269684 0.78888638  19.74410  -0.85121915 0.43810208  -0.28895082 51.79906  
32 'point symmetry operation' ?     ?     -0.85301200 -0.22909764 -0.46891797 12.89480  -0.51352658 0.52866617 0.67587155  25.84263  0.09306041  0.81732868  -0.56860617 51.57095  
33 'point symmetry operation' ?     ?     0.06181888  0.25256031  -0.96560443 17.49538  -0.62855141 0.76136339 0.15889922  37.63979  0.77530752  0.59710897  0.20581373  30.55002  
34 'point symmetry operation' ?     ?     0.95757678  0.12156309  -0.26128458 -3.43031  -0.13856488 0.98920919 -0.04759287 38.83242  0.25267963  0.08177848  0.96408803  17.78649  
35 'point symmetry operation' ?     ?     0.59635351  -0.44105586 0.67069542  -20.96407 0.27928807  0.89732811 0.34176084  27.77232  -0.75256946 -0.01649310 0.65830638  30.91899  
36 'point symmetry operation' ?     ?     -0.88681501 -0.46134404 -0.02685402 0.57816   -0.29482728 0.52006800 0.80162724  34.02239  -0.35586000 0.71881224  -0.59722099 61.35646  
37 'point symmetry operation' ?     ?     -0.41194877 0.10282940  -0.90538650 16.22397  -0.66869047 0.64085542 0.37703778  45.54619  0.61899245  0.76074342  -0.19523864 46.36884  
38 'point symmetry operation' ?     ?     0.69857458  0.26127074  -0.66613223 3.82096   -0.38207180 0.92332916 -0.03853132 52.53990  0.60499230  0.28142694  0.74483826  26.38210  
39 'point symmetry operation' ?     ?     0.91004999  -0.20498075 0.36026811  -19.49015 0.16893184  0.97712023 0.12922225  45.33856  -0.37851321 -0.05673844 0.92385578  29.01711  
40 'point symmetry operation' ?     ?     -0.06977468 -0.65158120 0.75536368  -21.49433 0.22285187  0.72789113 0.64846878  33.89410  -0.97235250 0.21358057  0.09441755  50.63248  
41 'point symmetry operation' ?     ?     -0.76468321 -0.12415619 -0.63233344 9.61168   -0.58306886 0.55113356 0.59689421  52.59005  0.27439215  0.82512862  -0.49383435 61.23564  
42 'point symmetry operation' ?     ?     0.26838681  0.28203208  -0.92110119 8.99522   -0.57523778 0.81390620 0.08159932  63.54457  0.77270369  0.50795163  0.38067699  39.28499  
43 'point symmetry operation' ?     ?     0.99691272  0.03483617  -0.07036518 -13.95972 -0.03607345 0.99921472 -0.01638910 62.09670  0.06973897  0.01887690  0.99738656  30.72934  
44 'point symmetry operation' ?     ?     0.41409732  -0.52412740 0.74418643  -27.52991 0.28931752  0.85096926 0.43834528  50.24739  -0.86302859 0.03378874  0.50402342  47.39241  
45 'point symmetry operation' ?     ?     -0.67462848 -0.62239025 0.39687146  -12.96183 -0.04874392 0.57403996 0.81737518  44.37206  -0.73654641 0.53207944  -0.41760148 66.24622  
46 'point symmetry operation' ?     ?     -0.21978815 0.17838403  -0.95909967 9.91619   -0.66723366 0.68973357 0.28118822  72.18782  0.71168272  0.70174548  -0.03257141 54.73826  
47 'point symmetry operation' ?     ?     0.83408650  0.21528948  -0.50788672 -6.64219  -0.28178197 0.95779809 -0.05675762 76.87462  0.47423349  0.19045458  0.85955140  37.24293  
48 'point symmetry operation' ?     ?     0.80164007  -0.30895321 0.51178196  -28.20774 0.22945729  0.94954499 0.21380735  67.73832  -0.55201649 -0.05396430 0.83208495  44.56919  
49 'point symmetry operation' ?     ?     -0.27228811 -0.66985861 0.69075894  -24.97780 0.15996878  0.67637963 0.71897177  57.40499  -0.94882477 0.30626762  -0.07701352 66.59229  
50 'point symmetry operation' ?     ?     -0.90356611 -0.36866792 -0.21829565 -1.41610  -0.39421667 0.51580718 0.76061577  60.15497  -0.16781609 0.77332212  -0.61140107 72.87696  
51 'point symmetry operation' ?     ?     0.46441724  0.28889683  -0.83717139 -0.27797  -0.50354019 0.86376868 0.01873827  89.02028  0.72853593  0.41284679  0.54662009  48.48325  
52 'point symmetry operation' ?     ?     0.99087715  -0.06267830 0.11930347  -24.16426 0.05902217  0.99767950 0.03393880  85.00133  -0.12115391 -0.02658739 0.99227735  44.54439  
53 'point symmetry operation' ?     ?     0.21433702  -0.59125917 0.77747799  -33.12208 0.27639215  0.80015805 0.53231046  72.92926  -0.93683873 0.10079506  0.33492293  63.94148  
54 'point symmetry operation' ?     ?     -0.79205273 -0.56636584 0.22777823  -14.77250 -0.15182798 0.54417183 0.82512149  69.48740  -0.59127105 0.61895633  -0.51700310 79.86788  
55 'point symmetry operation' ?     ?     -0.63749353 -0.02239955 -0.77012935 5.52669   -0.63385219 0.58348565 0.50771609  79.43233  0.43798670  0.81181432  -0.38616611 70.31411  
# 
loop_
_struct_conf.conf_type_id 
_struct_conf.id 
_struct_conf.pdbx_PDB_helix_id 
_struct_conf.beg_label_comp_id 
_struct_conf.beg_label_asym_id 
_struct_conf.beg_label_seq_id 
_struct_conf.pdbx_beg_PDB_ins_code 
_struct_conf.end_label_comp_id 
_struct_conf.end_label_asym_id 
_struct_conf.end_label_seq_id 
_struct_conf.pdbx_end_PDB_ins_code 
_struct_conf.beg_auth_comp_id 
_struct_conf.beg_auth_asym_id 
_struct_conf.beg_auth_seq_id 
_struct_conf.end_auth_comp_id 
_struct_conf.end_auth_asym_id 
_struct_conf.end_auth_seq_id 
_struct_conf.pdbx_PDB_helix_class 
_struct_conf.details 
_struct_conf.pdbx_PDB_helix_length 
HELX_P HELX_P1 AA1 ALA A 5  ? GLY A 18 ? ALA 9 5  GLY 9 18 1 ? 14 
HELX_P HELX_P2 AA2 PHE A 19 ? ILE A 47 ? PHE 9 19 ILE 9 47 1 ? 29 
# 
_struct_conf_type.id          HELX_P 
_struct_conf_type.criteria    ? 
_struct_conf_type.reference   ? 
# 
_pdbx_entry_details.entry_id                   9QG9 
_pdbx_entry_details.nonpolymer_details         ? 
_pdbx_entry_details.sequence_details           ? 
_pdbx_entry_details.compound_details           ? 
_pdbx_entry_details.source_details             ? 
_pdbx_entry_details.has_ligand_of_interest     ? 
_pdbx_entry_details.has_protein_modification   N 
# 
_pdbx_validate_torsion.id              1 
_pdbx_validate_torsion.PDB_model_num   1 
_pdbx_validate_torsion.auth_comp_id    ASP 
_pdbx_validate_torsion.auth_asym_id    9 
_pdbx_validate_torsion.auth_seq_id     4 
_pdbx_validate_torsion.PDB_ins_code    ? 
_pdbx_validate_torsion.label_alt_id    ? 
_pdbx_validate_torsion.phi             -99.63 
_pdbx_validate_torsion.psi             56.61 
# 
_em_3d_fitting.id                1 
_em_3d_fitting.entry_id          9QG9 
_em_3d_fitting.method            ? 
_em_3d_fitting.target_criteria   ? 
_em_3d_fitting.details           'PHENIX and Servalcat was used' 
_em_3d_fitting.overall_b_value   ? 
_em_3d_fitting.ref_space         REAL 
_em_3d_fitting.ref_protocol      'AB INITIO MODEL' 
# 
_em_3d_reconstruction.entry_id                    9QG9 
_em_3d_reconstruction.id                          1 
_em_3d_reconstruction.method                      ? 
_em_3d_reconstruction.algorithm                   'FOURIER SPACE' 
_em_3d_reconstruction.citation_id                 ? 
_em_3d_reconstruction.details                     ? 
_em_3d_reconstruction.resolution                  3.7 
_em_3d_reconstruction.resolution_method           'FSC 0.143 CUT-OFF' 
_em_3d_reconstruction.magnification_calibration   ? 
_em_3d_reconstruction.nominal_pixel_size          ? 
_em_3d_reconstruction.actual_pixel_size           ? 
_em_3d_reconstruction.num_particles               27134 
_em_3d_reconstruction.euler_angles_details        ? 
_em_3d_reconstruction.num_class_averages          ? 
_em_3d_reconstruction.refinement_type             ? 
_em_3d_reconstruction.image_processing_id         1 
_em_3d_reconstruction.symmetry_type               HELICAL 
# 
_em_buffer.id            1 
_em_buffer.specimen_id   1 
_em_buffer.name          ? 
_em_buffer.details       PBS 
_em_buffer.pH            7.4 
# 
_em_entity_assembly.id                   1 
_em_entity_assembly.parent_id            0 
_em_entity_assembly.source               NATURAL 
_em_entity_assembly.type                 VIRUS 
_em_entity_assembly.name                 MDA 
_em_entity_assembly.details              ? 
_em_entity_assembly.synonym              ? 
_em_entity_assembly.oligomeric_details   ? 
_em_entity_assembly.entity_id_list       1 
# 
_em_imaging.entry_id                        9QG9 
_em_imaging.id                              1 
_em_imaging.astigmatism                     ? 
_em_imaging.electron_beam_tilt_params       ? 
_em_imaging.residual_tilt                   ? 
_em_imaging.microscope_model                'TFS KRIOS' 
_em_imaging.specimen_holder_type            ? 
_em_imaging.specimen_holder_model           'FEI TITAN KRIOS AUTOGRID HOLDER' 
_em_imaging.details                         ? 
_em_imaging.date                            ? 
_em_imaging.accelerating_voltage            300 
_em_imaging.illumination_mode               'FLOOD BEAM' 
_em_imaging.mode                            'BRIGHT FIELD' 
_em_imaging.nominal_cs                      ? 
_em_imaging.nominal_defocus_min             1000 
_em_imaging.nominal_defocus_max             2500 
_em_imaging.calibrated_defocus_min          ? 
_em_imaging.calibrated_defocus_max          ? 
_em_imaging.tilt_angle_min                  ? 
_em_imaging.tilt_angle_max                  ? 
_em_imaging.nominal_magnification           ? 
_em_imaging.calibrated_magnification        ? 
_em_imaging.electron_source                 'FIELD EMISSION GUN' 
_em_imaging.citation_id                     ? 
_em_imaging.temperature                     ? 
_em_imaging.detector_distance               ? 
_em_imaging.recording_temperature_minimum   ? 
_em_imaging.recording_temperature_maximum   ? 
_em_imaging.alignment_procedure             'COMA FREE' 
_em_imaging.c2_aperture_diameter            ? 
_em_imaging.specimen_id                     1 
_em_imaging.cryogen                         NITROGEN 
_em_imaging.objective_aperture              ? 
_em_imaging.microscope_serial_number        ? 
_em_imaging.microscope_version              ? 
# 
_em_sample_support.id               1 
_em_sample_support.film_material    ? 
_em_sample_support.method           ? 
_em_sample_support.grid_material    GOLD 
_em_sample_support.grid_mesh_size   400 
_em_sample_support.grid_type        Quantifoil 
_em_sample_support.details          ? 
_em_sample_support.specimen_id      1 
_em_sample_support.citation_id      ? 
# 
_em_virus_entity.id                    1 
_em_virus_entity.virus_host_category   ? 
_em_virus_entity.virus_type            VIRION 
_em_virus_entity.virus_isolate         OTHER 
_em_virus_entity.entity_assembly_id    1 
_em_virus_entity.enveloped             NO 
_em_virus_entity.empty                 NO 
_em_virus_entity.details               ? 
# 
_em_vitrification.entry_id              9QG9 
_em_vitrification.id                    1 
_em_vitrification.specimen_id           1 
_em_vitrification.cryogen_name          ETHANE 
_em_vitrification.humidity              ? 
_em_vitrification.temp                  ? 
_em_vitrification.chamber_temperature   ? 
_em_vitrification.instrument            ? 
_em_vitrification.method                ? 
_em_vitrification.time_resolved_state   ? 
_em_vitrification.citation_id           ? 
_em_vitrification.details               ? 
# 
_em_experiment.entry_id                9QG9 
_em_experiment.id                      1 
_em_experiment.reconstruction_method   HELICAL 
_em_experiment.aggregation_state       'HELICAL ARRAY' 
_em_experiment.entity_assembly_id      1 
# 
loop_
_chem_comp_atom.comp_id 
_chem_comp_atom.atom_id 
_chem_comp_atom.type_symbol 
_chem_comp_atom.pdbx_aromatic_flag 
_chem_comp_atom.pdbx_stereo_config 
_chem_comp_atom.pdbx_ordinal 
ALA N    N N N 1   
ALA CA   C N S 2   
ALA C    C N N 3   
ALA O    O N N 4   
ALA CB   C N N 5   
ALA OXT  O N N 6   
ALA H    H N N 7   
ALA H2   H N N 8   
ALA HA   H N N 9   
ALA HB1  H N N 10  
ALA HB2  H N N 11  
ALA HB3  H N N 12  
ALA HXT  H N N 13  
ASN N    N N N 14  
ASN CA   C N S 15  
ASN C    C N N 16  
ASN O    O N N 17  
ASN CB   C N N 18  
ASN CG   C N N 19  
ASN OD1  O N N 20  
ASN ND2  N N N 21  
ASN OXT  O N N 22  
ASN H    H N N 23  
ASN H2   H N N 24  
ASN HA   H N N 25  
ASN HB2  H N N 26  
ASN HB3  H N N 27  
ASN HD21 H N N 28  
ASN HD22 H N N 29  
ASN HXT  H N N 30  
ASP N    N N N 31  
ASP CA   C N S 32  
ASP C    C N N 33  
ASP O    O N N 34  
ASP CB   C N N 35  
ASP CG   C N N 36  
ASP OD1  O N N 37  
ASP OD2  O N N 38  
ASP OXT  O N N 39  
ASP H    H N N 40  
ASP H2   H N N 41  
ASP HA   H N N 42  
ASP HB2  H N N 43  
ASP HB3  H N N 44  
ASP HD2  H N N 45  
ASP HXT  H N N 46  
GLN N    N N N 47  
GLN CA   C N S 48  
GLN C    C N N 49  
GLN O    O N N 50  
GLN CB   C N N 51  
GLN CG   C N N 52  
GLN CD   C N N 53  
GLN OE1  O N N 54  
GLN NE2  N N N 55  
GLN OXT  O N N 56  
GLN H    H N N 57  
GLN H2   H N N 58  
GLN HA   H N N 59  
GLN HB2  H N N 60  
GLN HB3  H N N 61  
GLN HG2  H N N 62  
GLN HG3  H N N 63  
GLN HE21 H N N 64  
GLN HE22 H N N 65  
GLN HXT  H N N 66  
GLY N    N N N 67  
GLY CA   C N N 68  
GLY C    C N N 69  
GLY O    O N N 70  
GLY OXT  O N N 71  
GLY H    H N N 72  
GLY H2   H N N 73  
GLY HA2  H N N 74  
GLY HA3  H N N 75  
GLY HXT  H N N 76  
ILE N    N N N 77  
ILE CA   C N S 78  
ILE C    C N N 79  
ILE O    O N N 80  
ILE CB   C N S 81  
ILE CG1  C N N 82  
ILE CG2  C N N 83  
ILE CD1  C N N 84  
ILE OXT  O N N 85  
ILE H    H N N 86  
ILE H2   H N N 87  
ILE HA   H N N 88  
ILE HB   H N N 89  
ILE HG12 H N N 90  
ILE HG13 H N N 91  
ILE HG21 H N N 92  
ILE HG22 H N N 93  
ILE HG23 H N N 94  
ILE HD11 H N N 95  
ILE HD12 H N N 96  
ILE HD13 H N N 97  
ILE HXT  H N N 98  
LEU N    N N N 99  
LEU CA   C N S 100 
LEU C    C N N 101 
LEU O    O N N 102 
LEU CB   C N N 103 
LEU CG   C N N 104 
LEU CD1  C N N 105 
LEU CD2  C N N 106 
LEU OXT  O N N 107 
LEU H    H N N 108 
LEU H2   H N N 109 
LEU HA   H N N 110 
LEU HB2  H N N 111 
LEU HB3  H N N 112 
LEU HG   H N N 113 
LEU HD11 H N N 114 
LEU HD12 H N N 115 
LEU HD13 H N N 116 
LEU HD21 H N N 117 
LEU HD22 H N N 118 
LEU HD23 H N N 119 
LEU HXT  H N N 120 
LYS N    N N N 121 
LYS CA   C N S 122 
LYS C    C N N 123 
LYS O    O N N 124 
LYS CB   C N N 125 
LYS CG   C N N 126 
LYS CD   C N N 127 
LYS CE   C N N 128 
LYS NZ   N N N 129 
LYS OXT  O N N 130 
LYS H    H N N 131 
LYS H2   H N N 132 
LYS HA   H N N 133 
LYS HB2  H N N 134 
LYS HB3  H N N 135 
LYS HG2  H N N 136 
LYS HG3  H N N 137 
LYS HD2  H N N 138 
LYS HD3  H N N 139 
LYS HE2  H N N 140 
LYS HE3  H N N 141 
LYS HZ1  H N N 142 
LYS HZ2  H N N 143 
LYS HZ3  H N N 144 
LYS HXT  H N N 145 
MET N    N N N 146 
MET CA   C N S 147 
MET C    C N N 148 
MET O    O N N 149 
MET CB   C N N 150 
MET CG   C N N 151 
MET SD   S N N 152 
MET CE   C N N 153 
MET OXT  O N N 154 
MET H    H N N 155 
MET H2   H N N 156 
MET HA   H N N 157 
MET HB2  H N N 158 
MET HB3  H N N 159 
MET HG2  H N N 160 
MET HG3  H N N 161 
MET HE1  H N N 162 
MET HE2  H N N 163 
MET HE3  H N N 164 
MET HXT  H N N 165 
PHE N    N N N 166 
PHE CA   C N S 167 
PHE C    C N N 168 
PHE O    O N N 169 
PHE CB   C N N 170 
PHE CG   C Y N 171 
PHE CD1  C Y N 172 
PHE CD2  C Y N 173 
PHE CE1  C Y N 174 
PHE CE2  C Y N 175 
PHE CZ   C Y N 176 
PHE OXT  O N N 177 
PHE H    H N N 178 
PHE H2   H N N 179 
PHE HA   H N N 180 
PHE HB2  H N N 181 
PHE HB3  H N N 182 
PHE HD1  H N N 183 
PHE HD2  H N N 184 
PHE HE1  H N N 185 
PHE HE2  H N N 186 
PHE HZ   H N N 187 
PHE HXT  H N N 188 
SER N    N N N 189 
SER CA   C N S 190 
SER C    C N N 191 
SER O    O N N 192 
SER CB   C N N 193 
SER OG   O N N 194 
SER OXT  O N N 195 
SER H    H N N 196 
SER H2   H N N 197 
SER HA   H N N 198 
SER HB2  H N N 199 
SER HB3  H N N 200 
SER HG   H N N 201 
SER HXT  H N N 202 
THR N    N N N 203 
THR CA   C N S 204 
THR C    C N N 205 
THR O    O N N 206 
THR CB   C N R 207 
THR OG1  O N N 208 
THR CG2  C N N 209 
THR OXT  O N N 210 
THR H    H N N 211 
THR H2   H N N 212 
THR HA   H N N 213 
THR HB   H N N 214 
THR HG1  H N N 215 
THR HG21 H N N 216 
THR HG22 H N N 217 
THR HG23 H N N 218 
THR HXT  H N N 219 
TRP N    N N N 220 
TRP CA   C N S 221 
TRP C    C N N 222 
TRP O    O N N 223 
TRP CB   C N N 224 
TRP CG   C Y N 225 
TRP CD1  C Y N 226 
TRP CD2  C Y N 227 
TRP NE1  N Y N 228 
TRP CE2  C Y N 229 
TRP CE3  C Y N 230 
TRP CZ2  C Y N 231 
TRP CZ3  C Y N 232 
TRP CH2  C Y N 233 
TRP OXT  O N N 234 
TRP H    H N N 235 
TRP H2   H N N 236 
TRP HA   H N N 237 
TRP HB2  H N N 238 
TRP HB3  H N N 239 
TRP HD1  H N N 240 
TRP HE1  H N N 241 
TRP HE3  H N N 242 
TRP HZ2  H N N 243 
TRP HZ3  H N N 244 
TRP HH2  H N N 245 
TRP HXT  H N N 246 
VAL N    N N N 247 
VAL CA   C N S 248 
VAL C    C N N 249 
VAL O    O N N 250 
VAL CB   C N N 251 
VAL CG1  C N N 252 
VAL CG2  C N N 253 
VAL OXT  O N N 254 
VAL H    H N N 255 
VAL H2   H N N 256 
VAL HA   H N N 257 
VAL HB   H N N 258 
VAL HG11 H N N 259 
VAL HG12 H N N 260 
VAL HG13 H N N 261 
VAL HG21 H N N 262 
VAL HG22 H N N 263 
VAL HG23 H N N 264 
VAL HXT  H N N 265 
# 
loop_
_chem_comp_bond.comp_id 
_chem_comp_bond.atom_id_1 
_chem_comp_bond.atom_id_2 
_chem_comp_bond.value_order 
_chem_comp_bond.pdbx_aromatic_flag 
_chem_comp_bond.pdbx_stereo_config 
_chem_comp_bond.pdbx_ordinal 
ALA N   CA   sing N N 1   
ALA N   H    sing N N 2   
ALA N   H2   sing N N 3   
ALA CA  C    sing N N 4   
ALA CA  CB   sing N N 5   
ALA CA  HA   sing N N 6   
ALA C   O    doub N N 7   
ALA C   OXT  sing N N 8   
ALA CB  HB1  sing N N 9   
ALA CB  HB2  sing N N 10  
ALA CB  HB3  sing N N 11  
ALA OXT HXT  sing N N 12  
ASN N   CA   sing N N 13  
ASN N   H    sing N N 14  
ASN N   H2   sing N N 15  
ASN CA  C    sing N N 16  
ASN CA  CB   sing N N 17  
ASN CA  HA   sing N N 18  
ASN C   O    doub N N 19  
ASN C   OXT  sing N N 20  
ASN CB  CG   sing N N 21  
ASN CB  HB2  sing N N 22  
ASN CB  HB3  sing N N 23  
ASN CG  OD1  doub N N 24  
ASN CG  ND2  sing N N 25  
ASN ND2 HD21 sing N N 26  
ASN ND2 HD22 sing N N 27  
ASN OXT HXT  sing N N 28  
ASP N   CA   sing N N 29  
ASP N   H    sing N N 30  
ASP N   H2   sing N N 31  
ASP CA  C    sing N N 32  
ASP CA  CB   sing N N 33  
ASP CA  HA   sing N N 34  
ASP C   O    doub N N 35  
ASP C   OXT  sing N N 36  
ASP CB  CG   sing N N 37  
ASP CB  HB2  sing N N 38  
ASP CB  HB3  sing N N 39  
ASP CG  OD1  doub N N 40  
ASP CG  OD2  sing N N 41  
ASP OD2 HD2  sing N N 42  
ASP OXT HXT  sing N N 43  
GLN N   CA   sing N N 44  
GLN N   H    sing N N 45  
GLN N   H2   sing N N 46  
GLN CA  C    sing N N 47  
GLN CA  CB   sing N N 48  
GLN CA  HA   sing N N 49  
GLN C   O    doub N N 50  
GLN C   OXT  sing N N 51  
GLN CB  CG   sing N N 52  
GLN CB  HB2  sing N N 53  
GLN CB  HB3  sing N N 54  
GLN CG  CD   sing N N 55  
GLN CG  HG2  sing N N 56  
GLN CG  HG3  sing N N 57  
GLN CD  OE1  doub N N 58  
GLN CD  NE2  sing N N 59  
GLN NE2 HE21 sing N N 60  
GLN NE2 HE22 sing N N 61  
GLN OXT HXT  sing N N 62  
GLY N   CA   sing N N 63  
GLY N   H    sing N N 64  
GLY N   H2   sing N N 65  
GLY CA  C    sing N N 66  
GLY CA  HA2  sing N N 67  
GLY CA  HA3  sing N N 68  
GLY C   O    doub N N 69  
GLY C   OXT  sing N N 70  
GLY OXT HXT  sing N N 71  
ILE N   CA   sing N N 72  
ILE N   H    sing N N 73  
ILE N   H2   sing N N 74  
ILE CA  C    sing N N 75  
ILE CA  CB   sing N N 76  
ILE CA  HA   sing N N 77  
ILE C   O    doub N N 78  
ILE C   OXT  sing N N 79  
ILE CB  CG1  sing N N 80  
ILE CB  CG2  sing N N 81  
ILE CB  HB   sing N N 82  
ILE CG1 CD1  sing N N 83  
ILE CG1 HG12 sing N N 84  
ILE CG1 HG13 sing N N 85  
ILE CG2 HG21 sing N N 86  
ILE CG2 HG22 sing N N 87  
ILE CG2 HG23 sing N N 88  
ILE CD1 HD11 sing N N 89  
ILE CD1 HD12 sing N N 90  
ILE CD1 HD13 sing N N 91  
ILE OXT HXT  sing N N 92  
LEU N   CA   sing N N 93  
LEU N   H    sing N N 94  
LEU N   H2   sing N N 95  
LEU CA  C    sing N N 96  
LEU CA  CB   sing N N 97  
LEU CA  HA   sing N N 98  
LEU C   O    doub N N 99  
LEU C   OXT  sing N N 100 
LEU CB  CG   sing N N 101 
LEU CB  HB2  sing N N 102 
LEU CB  HB3  sing N N 103 
LEU CG  CD1  sing N N 104 
LEU CG  CD2  sing N N 105 
LEU CG  HG   sing N N 106 
LEU CD1 HD11 sing N N 107 
LEU CD1 HD12 sing N N 108 
LEU CD1 HD13 sing N N 109 
LEU CD2 HD21 sing N N 110 
LEU CD2 HD22 sing N N 111 
LEU CD2 HD23 sing N N 112 
LEU OXT HXT  sing N N 113 
LYS N   CA   sing N N 114 
LYS N   H    sing N N 115 
LYS N   H2   sing N N 116 
LYS CA  C    sing N N 117 
LYS CA  CB   sing N N 118 
LYS CA  HA   sing N N 119 
LYS C   O    doub N N 120 
LYS C   OXT  sing N N 121 
LYS CB  CG   sing N N 122 
LYS CB  HB2  sing N N 123 
LYS CB  HB3  sing N N 124 
LYS CG  CD   sing N N 125 
LYS CG  HG2  sing N N 126 
LYS CG  HG3  sing N N 127 
LYS CD  CE   sing N N 128 
LYS CD  HD2  sing N N 129 
LYS CD  HD3  sing N N 130 
LYS CE  NZ   sing N N 131 
LYS CE  HE2  sing N N 132 
LYS CE  HE3  sing N N 133 
LYS NZ  HZ1  sing N N 134 
LYS NZ  HZ2  sing N N 135 
LYS NZ  HZ3  sing N N 136 
LYS OXT HXT  sing N N 137 
MET N   CA   sing N N 138 
MET N   H    sing N N 139 
MET N   H2   sing N N 140 
MET CA  C    sing N N 141 
MET CA  CB   sing N N 142 
MET CA  HA   sing N N 143 
MET C   O    doub N N 144 
MET C   OXT  sing N N 145 
MET CB  CG   sing N N 146 
MET CB  HB2  sing N N 147 
MET CB  HB3  sing N N 148 
MET CG  SD   sing N N 149 
MET CG  HG2  sing N N 150 
MET CG  HG3  sing N N 151 
MET SD  CE   sing N N 152 
MET CE  HE1  sing N N 153 
MET CE  HE2  sing N N 154 
MET CE  HE3  sing N N 155 
MET OXT HXT  sing N N 156 
PHE N   CA   sing N N 157 
PHE N   H    sing N N 158 
PHE N   H2   sing N N 159 
PHE CA  C    sing N N 160 
PHE CA  CB   sing N N 161 
PHE CA  HA   sing N N 162 
PHE C   O    doub N N 163 
PHE C   OXT  sing N N 164 
PHE CB  CG   sing N N 165 
PHE CB  HB2  sing N N 166 
PHE CB  HB3  sing N N 167 
PHE CG  CD1  doub Y N 168 
PHE CG  CD2  sing Y N 169 
PHE CD1 CE1  sing Y N 170 
PHE CD1 HD1  sing N N 171 
PHE CD2 CE2  doub Y N 172 
PHE CD2 HD2  sing N N 173 
PHE CE1 CZ   doub Y N 174 
PHE CE1 HE1  sing N N 175 
PHE CE2 CZ   sing Y N 176 
PHE CE2 HE2  sing N N 177 
PHE CZ  HZ   sing N N 178 
PHE OXT HXT  sing N N 179 
SER N   CA   sing N N 180 
SER N   H    sing N N 181 
SER N   H2   sing N N 182 
SER CA  C    sing N N 183 
SER CA  CB   sing N N 184 
SER CA  HA   sing N N 185 
SER C   O    doub N N 186 
SER C   OXT  sing N N 187 
SER CB  OG   sing N N 188 
SER CB  HB2  sing N N 189 
SER CB  HB3  sing N N 190 
SER OG  HG   sing N N 191 
SER OXT HXT  sing N N 192 
THR N   CA   sing N N 193 
THR N   H    sing N N 194 
THR N   H2   sing N N 195 
THR CA  C    sing N N 196 
THR CA  CB   sing N N 197 
THR CA  HA   sing N N 198 
THR C   O    doub N N 199 
THR C   OXT  sing N N 200 
THR CB  OG1  sing N N 201 
THR CB  CG2  sing N N 202 
THR CB  HB   sing N N 203 
THR OG1 HG1  sing N N 204 
THR CG2 HG21 sing N N 205 
THR CG2 HG22 sing N N 206 
THR CG2 HG23 sing N N 207 
THR OXT HXT  sing N N 208 
TRP N   CA   sing N N 209 
TRP N   H    sing N N 210 
TRP N   H2   sing N N 211 
TRP CA  C    sing N N 212 
TRP CA  CB   sing N N 213 
TRP CA  HA   sing N N 214 
TRP C   O    doub N N 215 
TRP C   OXT  sing N N 216 
TRP CB  CG   sing N N 217 
TRP CB  HB2  sing N N 218 
TRP CB  HB3  sing N N 219 
TRP CG  CD1  doub Y N 220 
TRP CG  CD2  sing Y N 221 
TRP CD1 NE1  sing Y N 222 
TRP CD1 HD1  sing N N 223 
TRP CD2 CE2  doub Y N 224 
TRP CD2 CE3  sing Y N 225 
TRP NE1 CE2  sing Y N 226 
TRP NE1 HE1  sing N N 227 
TRP CE2 CZ2  sing Y N 228 
TRP CE3 CZ3  doub Y N 229 
TRP CE3 HE3  sing N N 230 
TRP CZ2 CH2  doub Y N 231 
TRP CZ2 HZ2  sing N N 232 
TRP CZ3 CH2  sing Y N 233 
TRP CZ3 HZ3  sing N N 234 
TRP CH2 HH2  sing N N 235 
TRP OXT HXT  sing N N 236 
VAL N   CA   sing N N 237 
VAL N   H    sing N N 238 
VAL N   H2   sing N N 239 
VAL CA  C    sing N N 240 
VAL CA  CB   sing N N 241 
VAL CA  HA   sing N N 242 
VAL C   O    doub N N 243 
VAL C   OXT  sing N N 244 
VAL CB  CG1  sing N N 245 
VAL CB  CG2  sing N N 246 
VAL CB  HB   sing N N 247 
VAL CG1 HG11 sing N N 248 
VAL CG1 HG12 sing N N 249 
VAL CG1 HG13 sing N N 250 
VAL CG2 HG21 sing N N 251 
VAL CG2 HG22 sing N N 252 
VAL CG2 HG23 sing N N 253 
VAL OXT HXT  sing N N 254 
# 
_em_admin.current_status     REL 
_em_admin.deposition_date    2025-03-13 
_em_admin.deposition_site    PDBE 
_em_admin.entry_id           9QG9 
_em_admin.last_update        2025-07-02 
_em_admin.map_release_date   2025-06-04 
_em_admin.title              'MDA phage capsid' 
# 
_em_ctf_correction.details                  'RELION CTF Correction' 
_em_ctf_correction.em_image_processing_id   1 
_em_ctf_correction.id                       1 
_em_ctf_correction.type                     'PHASE FLIPPING AND AMPLITUDE CORRECTION' 
# 
_em_entity_assembly_molwt.entity_assembly_id   1 
_em_entity_assembly_molwt.experimental_flag    NO 
_em_entity_assembly_molwt.id                   1 
_em_entity_assembly_molwt.units                ? 
_em_entity_assembly_molwt.value                ? 
# 
_em_entity_assembly_naturalsource.cell                 ? 
_em_entity_assembly_naturalsource.cellular_location    ? 
_em_entity_assembly_naturalsource.entity_assembly_id   1 
_em_entity_assembly_naturalsource.id                   2 
_em_entity_assembly_naturalsource.ncbi_tax_id          487 
_em_entity_assembly_naturalsource.organism             MDA 
_em_entity_assembly_naturalsource.organelle            ? 
_em_entity_assembly_naturalsource.organ                ? 
_em_entity_assembly_naturalsource.strain               ? 
_em_entity_assembly_naturalsource.tissue               ? 
_em_entity_assembly_naturalsource.details              ? 
# 
_em_helical_entity.id                             1 
_em_helical_entity.image_processing_id            1 
_em_helical_entity.details                        ? 
_em_helical_entity.axial_symmetry                 C5 
_em_helical_entity.angular_rotation_per_subunit   42.2769 
_em_helical_entity.axial_rise_per_subunit         14.1313 
# 
_em_image_processing.details              ? 
_em_image_processing.id                   1 
_em_image_processing.image_recording_id   1 
# 
_em_image_recording.average_exposure_time               ? 
_em_image_recording.avg_electron_dose_per_subtomogram   ? 
_em_image_recording.avg_electron_dose_per_image         41 
_em_image_recording.details                             ? 
_em_image_recording.detector_mode                       ? 
_em_image_recording.film_or_detector_model              'TFS FALCON 4i (4k x 4k)' 
_em_image_recording.id                                  1 
_em_image_recording.imaging_id                          1 
_em_image_recording.num_diffraction_images              ? 
_em_image_recording.num_grids_imaged                    ? 
_em_image_recording.num_real_images                     ? 
# 
loop_
_em_software.category 
_em_software.details 
_em_software.id 
_em_software.image_processing_id 
_em_software.fitting_id 
_em_software.imaging_id 
_em_software.name 
_em_software.version 
'PARTICLE SELECTION'       ? 1  1 ? ? ?         ? 
'IMAGE ACQUISITION'        ? 2  ? ? 1 EPU       ? 
MASKING                    ? 3  ? ? ? ?         ? 
'CTF CORRECTION'           ? 4  1 ? ? RELION    4 
'LAYERLINE INDEXING'       ? 5  ? ? ? ?         ? 
'DIFFRACTION INDEXING'     ? 6  ? ? ? ?         ? 
'MODEL FITTING'            ? 7  ? 1 ? PHENIX    ? 
OTHER                      ? 8  ? ? ? ?         ? 
'INITIAL EULER ASSIGNMENT' ? 9  1 ? ? ?         ? 
'FINAL EULER ASSIGNMENT'   ? 10 1 ? ? RELION    4 
CLASSIFICATION             ? 11 1 ? ? ?         ? 
RECONSTRUCTION             ? 12 1 ? ? RELION    4 
'MODEL REFINEMENT'         ? 13 ? 1 ? Servalcat ? 
# 
_em_specimen.concentration           ? 
_em_specimen.details                 ? 
_em_specimen.embedding_applied       NO 
_em_specimen.experiment_id           1 
_em_specimen.id                      1 
_em_specimen.shadowing_applied       NO 
_em_specimen.staining_applied        NO 
_em_specimen.vitrification_applied   YES 
# 
_em_virus_natural_host.entity_assembly_id   1 
_em_virus_natural_host.id                   1 
_em_virus_natural_host.ncbi_tax_id          487 
_em_virus_natural_host.organism             'Neisseria meningitidis' 
_em_virus_natural_host.strain               Z5463 
# 
loop_
_pdbx_audit_support.funding_organization 
_pdbx_audit_support.country 
_pdbx_audit_support.grant_number 
_pdbx_audit_support.ordinal 
'Medical Research Council (MRC, United Kingdom)' 'United Kingdom' MC_UP_1201/31 1 
'Wellcome Trust'                                 'United Kingdom' 225317/Z/22/Z 2 
'Leverhulme Trust'                               'United Kingdom' ?             3 
'The Lister Institute of Preventive Medicine'    'United Kingdom' ?             4 
# 
_atom_sites.entry_id                    9QG9 
_atom_sites.Cartn_transf_matrix[1][1]   ? 
_atom_sites.Cartn_transf_matrix[1][2]   ? 
_atom_sites.Cartn_transf_matrix[1][3]   ? 
_atom_sites.Cartn_transf_matrix[2][1]   ? 
_atom_sites.Cartn_transf_matrix[2][2]   ? 
_atom_sites.Cartn_transf_matrix[2][3]   ? 
_atom_sites.Cartn_transf_matrix[3][1]   ? 
_atom_sites.Cartn_transf_matrix[3][2]   ? 
_atom_sites.Cartn_transf_matrix[3][3]   ? 
_atom_sites.Cartn_transf_vector[1]      ? 
_atom_sites.Cartn_transf_vector[2]      ? 
_atom_sites.Cartn_transf_vector[3]      ? 
_atom_sites.Cartn_transform_axes        ? 
_atom_sites.fract_transf_matrix[1][1]   1.000000 
_atom_sites.fract_transf_matrix[1][2]   0.000000 
_atom_sites.fract_transf_matrix[1][3]   0.000000 
_atom_sites.fract_transf_matrix[2][1]   0.000000 
_atom_sites.fract_transf_matrix[2][2]   1.000000 
_atom_sites.fract_transf_matrix[2][3]   0.000000 
_atom_sites.fract_transf_matrix[3][1]   0.000000 
_atom_sites.fract_transf_matrix[3][2]   0.000000 
_atom_sites.fract_transf_matrix[3][3]   1.000000 
_atom_sites.fract_transf_vector[1]      0.00000 
_atom_sites.fract_transf_vector[2]      0.00000 
_atom_sites.fract_transf_vector[3]      0.00000 
_atom_sites.solution_primary            ? 
_atom_sites.solution_secondary          ? 
_atom_sites.solution_hydrogens          ? 
_atom_sites.special_details             ? 
# 
loop_
_atom_type.symbol 
C 
N 
O 
S 
# 
loop_
_atom_site.group_PDB 
_atom_site.id 
_atom_site.type_symbol 
_atom_site.label_atom_id 
_atom_site.label_alt_id 
_atom_site.label_comp_id 
_atom_site.label_asym_id 
_atom_site.label_entity_id 
_atom_site.label_seq_id 
_atom_site.pdbx_PDB_ins_code 
_atom_site.Cartn_x 
_atom_site.Cartn_y 
_atom_site.Cartn_z 
_atom_site.occupancy 
_atom_site.B_iso_or_equiv 
_atom_site.pdbx_formal_charge 
_atom_site.auth_seq_id 
_atom_site.auth_comp_id 
_atom_site.auth_asym_id 
_atom_site.auth_atom_id 
_atom_site.pdbx_PDB_model_num 
ATOM 1   N N   . ASP A 1 1  ? 24.964  -23.236 -21.571 1.00 585.85 ? 1  ASP 9 N   1 
ATOM 2   C CA  . ASP A 1 1  ? 24.885  -23.730 -22.977 1.00 583.78 ? 1  ASP 9 CA  1 
ATOM 3   C C   . ASP A 1 1  ? 23.842  -22.914 -23.740 1.00 571.28 ? 1  ASP 9 C   1 
ATOM 4   O O   . ASP A 1 1  ? 24.193  -22.186 -24.667 1.00 578.42 ? 1  ASP 9 O   1 
ATOM 5   C CB  . ASP A 1 1  ? 24.650  -25.234 -23.016 1.00 588.43 ? 1  ASP 9 CB  1 
ATOM 6   C CG  . ASP A 1 1  ? 24.507  -25.847 -24.404 1.00 585.59 ? 1  ASP 9 CG  1 
ATOM 7   O OD1 . ASP A 1 1  ? 25.470  -25.743 -25.192 1.00 584.47 ? 1  ASP 9 OD1 1 
ATOM 8   O OD2 . ASP A 1 1  ? 23.434  -26.421 -24.686 1.00 581.19 ? 1  ASP 9 OD2 1 
ATOM 9   N N   . GLY A 1 2  ? 22.567  -23.050 -23.343 1.00 546.58 ? 2  GLY 9 N   1 
ATOM 10  C CA  . GLY A 1 2  ? 21.471  -22.299 -23.938 1.00 525.51 ? 2  GLY 9 CA  1 
ATOM 11  C C   . GLY A 1 2  ? 21.490  -20.840 -23.484 1.00 507.60 ? 2  GLY 9 C   1 
ATOM 12  O O   . GLY A 1 2  ? 21.462  -19.936 -24.318 1.00 511.66 ? 2  GLY 9 O   1 
ATOM 13  N N   . PHE A 1 3  ? 21.534  -20.647 -22.154 1.00 481.46 ? 3  PHE 9 N   1 
ATOM 14  C CA  . PHE A 1 3  ? 21.656  -19.349 -21.502 1.00 457.31 ? 3  PHE 9 CA  1 
ATOM 15  C C   . PHE A 1 3  ? 20.385  -18.537 -21.771 1.00 408.11 ? 3  PHE 9 C   1 
ATOM 16  O O   . PHE A 1 3  ? 20.448  -17.427 -22.300 1.00 404.05 ? 3  PHE 9 O   1 
ATOM 17  C CB  . PHE A 1 3  ? 22.988  -18.692 -21.906 1.00 474.70 ? 3  PHE 9 CB  1 
ATOM 18  C CG  . PHE A 1 3  ? 23.655  -17.796 -20.865 1.00 484.71 ? 3  PHE 9 CG  1 
ATOM 19  C CD1 . PHE A 1 3  ? 22.913  -16.977 -20.010 1.00 485.39 ? 3  PHE 9 CD1 1 
ATOM 20  C CD2 . PHE A 1 3  ? 25.046  -17.784 -20.738 1.00 488.59 ? 3  PHE 9 CD2 1 
ATOM 21  C CE1 . PHE A 1 3  ? 23.545  -16.172 -19.067 1.00 485.11 ? 3  PHE 9 CE1 1 
ATOM 22  C CE2 . PHE A 1 3  ? 25.674  -16.978 -19.793 1.00 486.91 ? 3  PHE 9 CE2 1 
ATOM 23  C CZ  . PHE A 1 3  ? 24.922  -16.173 -18.959 1.00 486.21 ? 3  PHE 9 CZ  1 
ATOM 24  N N   . ASP A 1 4  ? 19.236  -19.111 -21.374 1.00 364.38 ? 4  ASP 9 N   1 
ATOM 25  C CA  . ASP A 1 4  ? 17.933  -18.458 -21.423 1.00 334.62 ? 4  ASP 9 CA  1 
ATOM 26  C C   . ASP A 1 4  ? 17.618  -17.942 -20.017 1.00 346.21 ? 4  ASP 9 C   1 
ATOM 27  O O   . ASP A 1 4  ? 16.581  -18.277 -19.444 1.00 362.97 ? 4  ASP 9 O   1 
ATOM 28  C CB  . ASP A 1 4  ? 16.898  -19.408 -22.013 1.00 306.14 ? 4  ASP 9 CB  1 
ATOM 29  C CG  . ASP A 1 4  ? 15.550  -18.799 -22.378 1.00 285.80 ? 4  ASP 9 CG  1 
ATOM 30  O OD1 . ASP A 1 4  ? 15.537  -17.848 -23.186 1.00 278.69 ? 4  ASP 9 OD1 1 
ATOM 31  O OD2 . ASP A 1 4  ? 14.523  -19.290 -21.860 1.00 269.41 ? 4  ASP 9 OD2 1 
ATOM 32  N N   . ALA A 1 5  ? 18.527  -17.108 -19.482 1.00 340.59 ? 5  ALA 9 N   1 
ATOM 33  C CA  . ALA A 1 5  ? 18.543  -16.716 -18.078 1.00 335.35 ? 5  ALA 9 CA  1 
ATOM 34  C C   . ALA A 1 5  ? 17.919  -15.332 -17.914 1.00 316.05 ? 5  ALA 9 C   1 
ATOM 35  O O   . ALA A 1 5  ? 16.941  -15.180 -17.181 1.00 312.11 ? 5  ALA 9 O   1 
ATOM 36  C CB  . ALA A 1 5  ? 19.965  -16.750 -17.555 1.00 337.82 ? 5  ALA 9 CB  1 
ATOM 37  N N   . ALA A 1 6  ? 18.496  -14.337 -18.604 1.00 295.99 ? 6  ALA 9 N   1 
ATOM 38  C CA  . ALA A 1 6  ? 18.032  -12.958 -18.556 1.00 280.60 ? 6  ALA 9 CA  1 
ATOM 39  C C   . ALA A 1 6  ? 16.718  -12.786 -19.321 1.00 267.22 ? 6  ALA 9 C   1 
ATOM 40  O O   . ALA A 1 6  ? 15.886  -11.981 -18.906 1.00 258.91 ? 6  ALA 9 O   1 
ATOM 41  C CB  . ALA A 1 6  ? 19.100  -12.035 -19.101 1.00 283.11 ? 6  ALA 9 CB  1 
ATOM 42  N N   . ALA A 1 7  ? 16.554  -13.528 -20.432 1.00 262.05 ? 7  ALA 9 N   1 
ATOM 43  C CA  . ALA A 1 7  ? 15.369  -13.462 -21.281 1.00 258.00 ? 7  ALA 9 CA  1 
ATOM 44  C C   . ALA A 1 7  ? 14.101  -13.796 -20.496 1.00 236.47 ? 7  ALA 9 C   1 
ATOM 45  O O   . ALA A 1 7  ? 13.112  -13.071 -20.604 1.00 236.19 ? 7  ALA 9 O   1 
ATOM 46  C CB  . ALA A 1 7  ? 15.527  -14.385 -22.473 1.00 261.80 ? 7  ALA 9 CB  1 
ATOM 47  N N   . ILE A 1 8  ? 14.145  -14.887 -19.716 1.00 210.91 ? 8  ILE 9 N   1 
ATOM 48  C CA  . ILE A 1 8  ? 13.045  -15.266 -18.839 1.00 197.17 ? 8  ILE 9 CA  1 
ATOM 49  C C   . ILE A 1 8  ? 13.138  -14.507 -17.509 1.00 191.52 ? 8  ILE 9 C   1 
ATOM 50  O O   . ILE A 1 8  ? 12.117  -14.328 -16.848 1.00 194.58 ? 8  ILE 9 O   1 
ATOM 51  C CB  . ILE A 1 8  ? 12.970  -16.798 -18.662 1.00 195.85 ? 8  ILE 9 CB  1 
ATOM 52  C CG1 . ILE A 1 8  ? 11.515  -17.275 -18.512 1.00 192.81 ? 8  ILE 9 CG1 1 
ATOM 53  C CG2 . ILE A 1 8  ? 13.863  -17.312 -17.525 1.00 196.23 ? 8  ILE 9 CG2 1 
ATOM 54  C CD1 . ILE A 1 8  ? 10.732  -17.320 -19.814 1.00 187.67 ? 8  ILE 9 CD1 1 
ATOM 55  N N   . GLY A 1 9  ? 14.358  -14.110 -17.102 1.00 184.70 ? 9  GLY 9 N   1 
ATOM 56  C CA  . GLY A 1 9  ? 14.596  -13.312 -15.905 1.00 178.93 ? 9  GLY 9 CA  1 
ATOM 57  C C   . GLY A 1 9  ? 13.866  -11.965 -15.896 1.00 169.61 ? 9  GLY 9 C   1 
ATOM 58  O O   . GLY A 1 9  ? 13.494  -11.483 -14.827 1.00 160.35 ? 9  GLY 9 O   1 
ATOM 59  N N   . THR A 1 10 ? 13.698  -11.351 -17.075 1.00 168.92 ? 10 THR 9 N   1 
ATOM 60  C CA  . THR A 1 10 ? 12.859  -10.170 -17.238 1.00 169.74 ? 10 THR 9 CA  1 
ATOM 61  C C   . THR A 1 10 ? 11.383  -10.571 -17.248 1.00 150.74 ? 10 THR 9 C   1 
ATOM 62  O O   . THR A 1 10 ? 10.587  -9.943  -16.553 1.00 139.59 ? 10 THR 9 O   1 
ATOM 63  C CB  . THR A 1 10 ? 13.253  -9.412  -18.507 1.00 186.82 ? 10 THR 9 CB  1 
ATOM 64  O OG1 . THR A 1 10 ? 13.239  -10.349 -19.580 1.00 193.44 ? 10 THR 9 OG1 1 
ATOM 65  C CG2 . THR A 1 10 ? 14.624  -8.769  -18.392 1.00 191.05 ? 10 THR 9 CG2 1 
ATOM 66  N N   . GLN A 1 11 ? 11.036  -11.598 -18.050 1.00 144.05 ? 11 GLN 9 N   1 
ATOM 67  C CA  . GLN A 1 11 ? 9.686   -12.157 -18.148 1.00 140.59 ? 11 GLN 9 CA  1 
ATOM 68  C C   . GLN A 1 11 ? 9.080   -12.350 -16.758 1.00 116.08 ? 11 GLN 9 C   1 
ATOM 69  O O   . GLN A 1 11 ? 7.935   -11.960 -16.557 1.00 106.19 ? 11 GLN 9 O   1 
ATOM 70  C CB  . GLN A 1 11 ? 9.691   -13.439 -18.996 1.00 159.65 ? 11 GLN 9 CB  1 
ATOM 71  C CG  . GLN A 1 11 ? 8.542   -14.435 -18.807 1.00 166.98 ? 11 GLN 9 CG  1 
ATOM 72  C CD  . GLN A 1 11 ? 7.239   -14.033 -19.463 1.00 170.85 ? 11 GLN 9 CD  1 
ATOM 73  O OE1 . GLN A 1 11 ? 6.837   -14.597 -20.488 1.00 161.86 ? 11 GLN 9 OE1 1 
ATOM 74  N NE2 . GLN A 1 11 ? 6.553   -13.067 -18.870 1.00 174.36 ? 11 GLN 9 NE2 1 
ATOM 75  N N   . VAL A 1 12 ? 9.845   -12.952 -15.834 1.00 111.92 ? 12 VAL 9 N   1 
ATOM 76  C CA  . VAL A 1 12 ? 9.383   -13.203 -14.473 1.00 119.14 ? 12 VAL 9 CA  1 
ATOM 77  C C   . VAL A 1 12 ? 9.164   -11.880 -13.737 1.00 126.14 ? 12 VAL 9 C   1 
ATOM 78  O O   . VAL A 1 12 ? 8.138   -11.742 -13.075 1.00 134.77 ? 12 VAL 9 O   1 
ATOM 79  C CB  . VAL A 1 12 ? 10.261  -14.155 -13.632 1.00 121.36 ? 12 VAL 9 CB  1 
ATOM 80  C CG1 . VAL A 1 12 ? 11.704  -13.694 -13.465 1.00 122.38 ? 12 VAL 9 CG1 1 
ATOM 81  C CG2 . VAL A 1 12 ? 9.648   -14.431 -12.261 1.00 123.82 ? 12 VAL 9 CG2 1 
ATOM 82  N N   . ALA A 1 13 ? 10.110  -10.931 -13.853 1.00 115.00 ? 13 ALA 9 N   1 
ATOM 83  C CA  . ALA A 1 13 ? 10.027  -9.638  -13.181 1.00 106.22 ? 13 ALA 9 CA  1 
ATOM 84  C C   . ALA A 1 13 ? 8.809   -8.832  -13.638 1.00 111.83 ? 13 ALA 9 C   1 
ATOM 85  O O   . ALA A 1 13 ? 8.214   -8.124  -12.829 1.00 101.16 ? 13 ALA 9 O   1 
ATOM 86  C CB  . ALA A 1 13 ? 11.302  -8.860  -13.405 1.00 104.80 ? 13 ALA 9 CB  1 
ATOM 87  N N   . ASN A 1 14 ? 8.440   -8.960  -14.923 1.00 129.75 ? 14 ASN 9 N   1 
ATOM 88  C CA  . ASN A 1 14 ? 7.330   -8.229  -15.525 1.00 142.81 ? 14 ASN 9 CA  1 
ATOM 89  C C   . ASN A 1 14 ? 5.965   -8.731  -15.041 1.00 135.79 ? 14 ASN 9 C   1 
ATOM 90  O O   . ASN A 1 14 ? 5.002   -7.966  -15.074 1.00 139.19 ? 14 ASN 9 O   1 
ATOM 91  C CB  . ASN A 1 14 ? 7.418   -8.262  -17.049 1.00 155.50 ? 14 ASN 9 CB  1 
ATOM 92  C CG  . ASN A 1 14 ? 8.683   -7.629  -17.587 1.00 165.77 ? 14 ASN 9 CG  1 
ATOM 93  O OD1 . ASN A 1 14 ? 9.380   -6.891  -16.877 1.00 155.31 ? 14 ASN 9 OD1 1 
ATOM 94  N ND2 . ASN A 1 14 ? 8.998   -7.901  -18.846 1.00 180.45 ? 14 ASN 9 ND2 1 
ATOM 95  N N   . VAL A 1 15 ? 5.880   -9.989  -14.573 1.00 129.35 ? 15 VAL 9 N   1 
ATOM 96  C CA  . VAL A 1 15 ? 4.663   -10.532 -13.978 1.00 126.92 ? 15 VAL 9 CA  1 
ATOM 97  C C   . VAL A 1 15 ? 4.404   -9.878  -12.615 1.00 115.90 ? 15 VAL 9 C   1 
ATOM 98  O O   . VAL A 1 15 ? 3.264   -9.885  -12.154 1.00 123.04 ? 15 VAL 9 O   1 
ATOM 99  C CB  . VAL A 1 15 ? 4.703   -12.076 -13.862 1.00 141.61 ? 15 VAL 9 CB  1 
ATOM 100 C CG1 . VAL A 1 15 ? 3.434   -12.665 -13.238 1.00 140.98 ? 15 VAL 9 CG1 1 
ATOM 101 C CG2 . VAL A 1 15 ? 4.953   -12.758 -15.208 1.00 146.75 ? 15 VAL 9 CG2 1 
ATOM 102 N N   . ILE A 1 16 ? 5.436   -9.278  -11.999 1.00 109.79 ? 16 ILE 9 N   1 
ATOM 103 C CA  . ILE A 1 16 ? 5.457   -8.981  -10.570 1.00 113.54 ? 16 ILE 9 CA  1 
ATOM 104 C C   . ILE A 1 16 ? 5.832   -7.528  -10.248 1.00 123.96 ? 16 ILE 9 C   1 
ATOM 105 O O   . ILE A 1 16 ? 5.731   -7.131  -9.086  1.00 104.89 ? 16 ILE 9 O   1 
ATOM 106 C CB  . ILE A 1 16 ? 6.368   -10.008 -9.868  1.00 101.31 ? 16 ILE 9 CB  1 
ATOM 107 C CG1 . ILE A 1 16 ? 7.770   -10.072 -10.474 1.00 93.46  ? 16 ILE 9 CG1 1 
ATOM 108 C CG2 . ILE A 1 16 ? 5.691   -11.374 -9.887  1.00 103.79 ? 16 ILE 9 CG2 1 
ATOM 109 C CD1 . ILE A 1 16 ? 8.689   -11.115 -9.872  1.00 95.14  ? 16 ILE 9 CD1 1 
ATOM 110 N N   . MET A 1 17 ? 6.300   -6.746  -11.238 1.00 142.59 ? 17 MET 9 N   1 
ATOM 111 C CA  . MET A 1 17 ? 6.156   -5.293  -11.211 1.00 160.87 ? 17 MET 9 CA  1 
ATOM 112 C C   . MET A 1 17 ? 4.722   -4.894  -11.572 1.00 166.48 ? 17 MET 9 C   1 
ATOM 113 O O   . MET A 1 17 ? 4.244   -3.872  -11.081 1.00 173.48 ? 17 MET 9 O   1 
ATOM 114 C CB  . MET A 1 17 ? 7.189   -4.550  -12.079 1.00 178.58 ? 17 MET 9 CB  1 
ATOM 115 C CG  . MET A 1 17 ? 7.335   -4.967  -13.543 1.00 191.03 ? 17 MET 9 CG  1 
ATOM 116 S SD  . MET A 1 17 ? 5.965   -4.621  -14.666 1.00 209.68 ? 17 MET 9 SD  1 
ATOM 117 C CE  . MET A 1 17 ? 6.066   -2.833  -14.830 1.00 206.84 ? 17 MET 9 CE  1 
ATOM 118 N N   . GLY A 1 18 ? 4.026   -5.713  -12.388 1.00 152.30 ? 18 GLY 9 N   1 
ATOM 119 C CA  . GLY A 1 18 ? 2.589   -5.582  -12.615 1.00 139.40 ? 18 GLY 9 CA  1 
ATOM 120 C C   . GLY A 1 18 ? 1.748   -6.210  -11.497 1.00 123.63 ? 18 GLY 9 C   1 
ATOM 121 O O   . GLY A 1 18 ? 0.733   -6.847  -11.770 1.00 118.64 ? 18 GLY 9 O   1 
ATOM 122 N N   . PHE A 1 19 ? 2.188   -6.006  -10.249 1.00 111.39 ? 19 PHE 9 N   1 
ATOM 123 C CA  . PHE A 1 19 ? 1.562   -6.519  -9.044  1.00 109.30 ? 19 PHE 9 CA  1 
ATOM 124 C C   . PHE A 1 19 ? 1.438   -5.452  -7.946  1.00 120.57 ? 19 PHE 9 C   1 
ATOM 125 O O   . PHE A 1 19 ? 0.694   -5.652  -6.984  1.00 124.95 ? 19 PHE 9 O   1 
ATOM 126 C CB  . PHE A 1 19 ? 2.492   -7.681  -8.708  1.00 102.43 ? 19 PHE 9 CB  1 
ATOM 127 C CG  . PHE A 1 19 ? 2.164   -8.366  -7.395  1.00 119.47 ? 19 PHE 9 CG  1 
ATOM 128 C CD1 . PHE A 1 19 ? 2.724   -7.902  -6.206  1.00 120.83 ? 19 PHE 9 CD1 1 
ATOM 129 C CD2 . PHE A 1 19 ? 1.293   -9.456  -7.351  1.00 126.55 ? 19 PHE 9 CD2 1 
ATOM 130 C CE1 . PHE A 1 19 ? 2.421   -8.515  -4.999  1.00 119.62 ? 19 PHE 9 CE1 1 
ATOM 131 C CE2 . PHE A 1 19 ? 0.999   -10.076 -6.140  1.00 118.09 ? 19 PHE 9 CE2 1 
ATOM 132 C CZ  . PHE A 1 19 ? 1.562   -9.599  -4.971  1.00 118.28 ? 19 PHE 9 CZ  1 
ATOM 133 N N   . VAL A 1 20 ? 2.178   -4.336  -8.070  1.00 119.15 ? 20 VAL 9 N   1 
ATOM 134 C CA  . VAL A 1 20 ? 2.048   -3.164  -7.213  1.00 116.63 ? 20 VAL 9 CA  1 
ATOM 135 C C   . VAL A 1 20 ? 0.587   -2.715  -7.107  1.00 122.30 ? 20 VAL 9 C   1 
ATOM 136 O O   . VAL A 1 20 ? 0.143   -2.379  -6.014  1.00 125.48 ? 20 VAL 9 O   1 
ATOM 137 C CB  . VAL A 1 20 ? 2.954   -2.005  -7.686  1.00 118.86 ? 20 VAL 9 CB  1 
ATOM 138 C CG1 . VAL A 1 20 ? 4.435   -2.360  -7.588  1.00 120.06 ? 20 VAL 9 CG1 1 
ATOM 139 C CG2 . VAL A 1 20 ? 2.628   -1.500  -9.093  1.00 124.14 ? 20 VAL 9 CG2 1 
ATOM 140 N N   . ALA A 1 21 ? -0.151  -2.736  -8.233  1.00 131.07 ? 21 ALA 9 N   1 
ATOM 141 C CA  . ALA A 1 21 ? -1.546  -2.315  -8.319  1.00 136.22 ? 21 ALA 9 CA  1 
ATOM 142 C C   . ALA A 1 21 ? -2.377  -2.836  -7.150  1.00 133.38 ? 21 ALA 9 C   1 
ATOM 143 O O   . ALA A 1 21 ? -3.101  -2.066  -6.522  1.00 135.64 ? 21 ALA 9 O   1 
ATOM 144 C CB  . ALA A 1 21 ? -2.141  -2.781  -9.634  1.00 138.49 ? 21 ALA 9 CB  1 
ATOM 145 N N   . MET A 1 22 ? -2.266  -4.144  -6.883  1.00 132.20 ? 22 MET 9 N   1 
ATOM 146 C CA  . MET A 1 22 ? -2.975  -4.783  -5.787  1.00 138.13 ? 22 MET 9 CA  1 
ATOM 147 C C   . MET A 1 22 ? -2.555  -4.154  -4.459  1.00 130.69 ? 22 MET 9 C   1 
ATOM 148 O O   . MET A 1 22 ? -3.426  -3.840  -3.653  1.00 143.10 ? 22 MET 9 O   1 
ATOM 149 C CB  . MET A 1 22 ? -2.751  -6.299  -5.815  1.00 158.76 ? 22 MET 9 CB  1 
ATOM 150 C CG  . MET A 1 22 ? -3.475  -7.095  -4.727  1.00 175.26 ? 22 MET 9 CG  1 
ATOM 151 S SD  . MET A 1 22 ? -2.665  -7.188  -3.114  1.00 191.36 ? 22 MET 9 SD  1 
ATOM 152 C CE  . MET A 1 22 ? -1.037  -7.834  -3.517  1.00 193.49 ? 22 MET 9 CE  1 
ATOM 153 N N   . VAL A 1 23 ? -1.246  -3.916  -4.273  1.00 128.01 ? 23 VAL 9 N   1 
ATOM 154 C CA  . VAL A 1 23 ? -0.695  -3.451  -2.998  1.00 145.89 ? 23 VAL 9 CA  1 
ATOM 155 C C   . VAL A 1 23 ? -1.120  -1.993  -2.739  1.00 128.00 ? 23 VAL 9 C   1 
ATOM 156 O O   . VAL A 1 23 ? -1.281  -1.587  -1.584  1.00 97.75  ? 23 VAL 9 O   1 
ATOM 157 C CB  . VAL A 1 23 ? 0.833   -3.643  -2.809  1.00 158.95 ? 23 VAL 9 CB  1 
ATOM 158 C CG1 . VAL A 1 23 ? 1.403   -4.799  -3.632  1.00 154.20 ? 23 VAL 9 CG1 1 
ATOM 159 C CG2 . VAL A 1 23 ? 1.676   -2.383  -3.030  1.00 167.62 ? 23 VAL 9 CG2 1 
ATOM 160 N N   . SER A 1 24 ? -1.236  -1.201  -3.816  1.00 126.47 ? 24 SER 9 N   1 
ATOM 161 C CA  . SER A 1 24 ? -1.790  0.142   -3.754  1.00 123.04 ? 24 SER 9 CA  1 
ATOM 162 C C   . SER A 1 24 ? -3.278  0.096   -3.410  1.00 114.34 ? 24 SER 9 C   1 
ATOM 163 O O   . SER A 1 24 ? -3.729  0.872   -2.572  1.00 112.78 ? 24 SER 9 O   1 
ATOM 164 C CB  . SER A 1 24 ? -1.538  0.912   -5.042  1.00 118.74 ? 24 SER 9 CB  1 
ATOM 165 O OG  . SER A 1 24 ? -2.112  0.277   -6.174  1.00 107.86 ? 24 SER 9 OG  1 
ATOM 166 N N   . ALA A 1 25 ? -4.026  -0.812  -4.058  1.00 103.82 ? 25 ALA 9 N   1 
ATOM 167 C CA  . ALA A 1 25 ? -5.461  -0.926  -3.854  1.00 101.96 ? 25 ALA 9 CA  1 
ATOM 168 C C   . ALA A 1 25 ? -5.767  -1.301  -2.409  1.00 93.54  ? 25 ALA 9 C   1 
ATOM 169 O O   . ALA A 1 25 ? -6.594  -0.640  -1.784  1.00 103.35 ? 25 ALA 9 O   1 
ATOM 170 C CB  . ALA A 1 25 ? -6.068  -1.921  -4.819  1.00 109.13 ? 25 ALA 9 CB  1 
ATOM 171 N N   . VAL A 1 26 ? -5.093  -2.337  -1.886  1.00 88.36  ? 26 VAL 9 N   1 
ATOM 172 C CA  . VAL A 1 26 ? -5.239  -2.716  -0.486  1.00 104.42 ? 26 VAL 9 CA  1 
ATOM 173 C C   . VAL A 1 26 ? -4.643  -1.621  0.400   1.00 123.43 ? 26 VAL 9 C   1 
ATOM 174 O O   . VAL A 1 26 ? -5.040  -1.494  1.559   1.00 138.16 ? 26 VAL 9 O   1 
ATOM 175 C CB  . VAL A 1 26 ? -4.674  -4.106  -0.124  1.00 121.08 ? 26 VAL 9 CB  1 
ATOM 176 C CG1 . VAL A 1 26 ? -3.177  -4.241  -0.378  1.00 137.84 ? 26 VAL 9 CG1 1 
ATOM 177 C CG2 . VAL A 1 26 ? -5.006  -4.511  1.311   1.00 125.76 ? 26 VAL 9 CG2 1 
ATOM 178 N N   . GLY A 1 27 ? -3.685  -0.853  -0.145  1.00 129.76 ? 27 GLY 9 N   1 
ATOM 179 C CA  . GLY A 1 27 ? -3.243  0.395   0.459   1.00 129.52 ? 27 GLY 9 CA  1 
ATOM 180 C C   . GLY A 1 27 ? -4.405  1.352   0.750   1.00 107.55 ? 27 GLY 9 C   1 
ATOM 181 O O   . GLY A 1 27 ? -4.744  1.579   1.907   1.00 90.24  ? 27 GLY 9 O   1 
ATOM 182 N N   . MET A 1 28 ? -5.075  1.823   -0.303  1.00 99.17  ? 28 MET 9 N   1 
ATOM 183 C CA  . MET A 1 28 ? -6.219  2.721   -0.172  1.00 100.30 ? 28 MET 9 CA  1 
ATOM 184 C C   . MET A 1 28 ? -7.225  2.203   0.863   1.00 76.01  ? 28 MET 9 C   1 
ATOM 185 O O   . MET A 1 28 ? -7.715  2.967   1.688   1.00 67.21  ? 28 MET 9 O   1 
ATOM 186 C CB  . MET A 1 28 ? -6.950  2.908   -1.512  1.00 115.58 ? 28 MET 9 CB  1 
ATOM 187 C CG  . MET A 1 28 ? -6.080  3.318   -2.705  1.00 114.28 ? 28 MET 9 CG  1 
ATOM 188 S SD  . MET A 1 28 ? -4.868  4.612   -2.372  1.00 110.13 ? 28 MET 9 SD  1 
ATOM 189 C CE  . MET A 1 28 ? -3.663  4.327   -3.677  1.00 103.73 ? 28 MET 9 CE  1 
ATOM 190 N N   . ALA A 1 29 ? -7.506  0.900   0.829   1.00 69.25  ? 29 ALA 9 N   1 
ATOM 191 C CA  . ALA A 1 29 ? -8.452  0.293   1.746   1.00 78.64  ? 29 ALA 9 CA  1 
ATOM 192 C C   . ALA A 1 29 ? -7.822  -0.021  3.111   1.00 77.25  ? 29 ALA 9 C   1 
ATOM 193 O O   . ALA A 1 29 ? -8.464  -0.683  3.930   1.00 86.79  ? 29 ALA 9 O   1 
ATOM 194 C CB  . ALA A 1 29 ? -9.050  -0.936  1.085   1.00 92.76  ? 29 ALA 9 CB  1 
ATOM 195 N N   . ALA A 1 30 ? -6.572  0.407   3.359   1.00 73.78  ? 30 ALA 9 N   1 
ATOM 196 C CA  . ALA A 1 30 ? -6.050  0.609   4.708   1.00 80.60  ? 30 ALA 9 CA  1 
ATOM 197 C C   . ALA A 1 30 ? -6.359  2.021   5.222   1.00 89.07  ? 30 ALA 9 C   1 
ATOM 198 O O   . ALA A 1 30 ? -6.866  2.168   6.337   1.00 78.03  ? 30 ALA 9 O   1 
ATOM 199 C CB  . ALA A 1 30 ? -4.557  0.331   4.757   1.00 76.82  ? 30 ALA 9 CB  1 
ATOM 200 N N   . ILE A 1 31 ? -6.042  3.055   4.416   1.00 91.39  ? 31 ILE 9 N   1 
ATOM 201 C CA  . ILE A 1 31 ? -6.012  4.438   4.888   1.00 81.79  ? 31 ILE 9 CA  1 
ATOM 202 C C   . ILE A 1 31 ? -7.401  4.931   5.264   1.00 75.11  ? 31 ILE 9 C   1 
ATOM 203 O O   . ILE A 1 31 ? -7.523  5.598   6.282   1.00 69.35  ? 31 ILE 9 O   1 
ATOM 204 C CB  . ILE A 1 31 ? -5.346  5.404   3.887   1.00 81.15  ? 31 ILE 9 CB  1 
ATOM 205 C CG1 . ILE A 1 31 ? -4.811  6.650   4.595   1.00 69.11  ? 31 ILE 9 CG1 1 
ATOM 206 C CG2 . ILE A 1 31 ? -6.224  5.752   2.674   1.00 89.08  ? 31 ILE 9 CG2 1 
ATOM 207 C CD1 . ILE A 1 31 ? -3.451  6.447   5.227   1.00 63.96  ? 31 ILE 9 CD1 1 
ATOM 208 N N   . THR A 1 32 ? -8.412  4.615   4.442   1.00 84.07  ? 32 THR 9 N   1 
ATOM 209 C CA  . THR A 1 32 ? -9.785  4.995   4.724   1.00 98.71  ? 32 THR 9 CA  1 
ATOM 210 C C   . THR A 1 32 ? -10.102 4.646   6.175   1.00 107.94 ? 32 THR 9 C   1 
ATOM 211 O O   . THR A 1 32 ? -10.619 5.495   6.899   1.00 120.83 ? 32 THR 9 O   1 
ATOM 212 C CB  . THR A 1 32 ? -10.753 4.311   3.759   1.00 111.51 ? 32 THR 9 CB  1 
ATOM 213 O OG1 . THR A 1 32 ? -10.459 2.916   3.791   1.00 110.33 ? 32 THR 9 OG1 1 
ATOM 214 C CG2 . THR A 1 32 ? -10.640 4.848   2.344   1.00 120.72 ? 32 THR 9 CG2 1 
ATOM 215 N N   . VAL A 1 33 ? -9.732  3.420   6.586   1.00 103.04 ? 33 VAL 9 N   1 
ATOM 216 C CA  . VAL A 1 33 ? -9.847  2.989   7.970   1.00 109.78 ? 33 VAL 9 CA  1 
ATOM 217 C C   . VAL A 1 33 ? -8.986  3.886   8.857   1.00 101.94 ? 33 VAL 9 C   1 
ATOM 218 O O   . VAL A 1 33 ? -9.501  4.424   9.835   1.00 108.28 ? 33 VAL 9 O   1 
ATOM 219 C CB  . VAL A 1 33 ? -9.538  1.487   8.161   1.00 134.88 ? 33 VAL 9 CB  1 
ATOM 220 C CG1 . VAL A 1 33 ? -9.124  1.115   9.586   1.00 149.12 ? 33 VAL 9 CG1 1 
ATOM 221 C CG2 . VAL A 1 33 ? -10.715 0.621   7.718   1.00 151.15 ? 33 VAL 9 CG2 1 
ATOM 222 N N   . ILE A 1 34 ? -7.701  4.056   8.515   1.00 88.20  ? 34 ILE 9 N   1 
ATOM 223 C CA  . ILE A 1 34 ? -6.746  4.691   9.423   1.00 83.32  ? 34 ILE 9 CA  1 
ATOM 224 C C   . ILE A 1 34 ? -7.083  6.165   9.628   1.00 80.72  ? 34 ILE 9 C   1 
ATOM 225 O O   . ILE A 1 34 ? -6.927  6.665   10.734  1.00 64.21  ? 34 ILE 9 O   1 
ATOM 226 C CB  . ILE A 1 34 ? -5.289  4.494   8.973   1.00 72.88  ? 34 ILE 9 CB  1 
ATOM 227 C CG1 . ILE A 1 34 ? -4.976  3.009   8.827   1.00 86.01  ? 34 ILE 9 CG1 1 
ATOM 228 C CG2 . ILE A 1 34 ? -4.323  5.156   9.963   1.00 59.40  ? 34 ILE 9 CG2 1 
ATOM 229 C CD1 . ILE A 1 34 ? -4.041  2.650   7.695   1.00 90.72  ? 34 ILE 9 CD1 1 
ATOM 230 N N   . LEU A 1 35 ? -7.539  6.833   8.563   1.00 99.51  ? 35 LEU 9 N   1 
ATOM 231 C CA  . LEU A 1 35 ? -8.160  8.144   8.670   1.00 108.85 ? 35 LEU 9 CA  1 
ATOM 232 C C   . LEU A 1 35 ? -9.361  8.064   9.606   1.00 98.30  ? 35 LEU 9 C   1 
ATOM 233 O O   . LEU A 1 35 ? -9.405  8.818   10.574  1.00 101.86 ? 35 LEU 9 O   1 
ATOM 234 C CB  . LEU A 1 35 ? -8.567  8.708   7.305   1.00 115.47 ? 35 LEU 9 CB  1 
ATOM 235 C CG  . LEU A 1 35 ? -7.435  9.114   6.352   1.00 103.71 ? 35 LEU 9 CG  1 
ATOM 236 C CD1 . LEU A 1 35 ? -8.059  9.707   5.089   1.00 114.70 ? 35 LEU 9 CD1 1 
ATOM 237 C CD2 . LEU A 1 35 ? -6.426  10.074  6.965   1.00 85.96  ? 35 LEU 9 CD2 1 
ATOM 238 N N   . ALA A 1 36 ? -10.301 7.149   9.326   1.00 85.35  ? 36 ALA 9 N   1 
ATOM 239 C CA  . ALA A 1 36 ? -11.555 7.101   10.060  1.00 93.83  ? 36 ALA 9 CA  1 
ATOM 240 C C   . ALA A 1 36 ? -11.296 7.204   11.558  1.00 103.90 ? 36 ALA 9 C   1 
ATOM 241 O O   . ALA A 1 36 ? -11.817 8.108   12.204  1.00 114.66 ? 36 ALA 9 O   1 
ATOM 242 C CB  . ALA A 1 36 ? -12.345 5.859   9.735   1.00 97.91  ? 36 ALA 9 CB  1 
ATOM 243 N N   . ILE A 1 37 ? -10.448 6.311   12.074  1.00 107.85 ? 37 ILE 9 N   1 
ATOM 244 C CA  . ILE A 1 37 ? -10.029 6.349   13.468  1.00 115.92 ? 37 ILE 9 CA  1 
ATOM 245 C C   . ILE A 1 37 ? -9.238  7.626   13.746  1.00 117.60 ? 37 ILE 9 C   1 
ATOM 246 O O   . ILE A 1 37 ? -9.615  8.355   14.658  1.00 114.91 ? 37 ILE 9 O   1 
ATOM 247 C CB  . ILE A 1 37 ? -9.285  5.063   13.900  1.00 124.37 ? 37 ILE 9 CB  1 
ATOM 248 C CG1 . ILE A 1 37 ? -8.054  4.712   13.016  1.00 116.23 ? 37 ILE 9 CG1 1 
ATOM 249 C CG2 . ILE A 1 37 ? -10.279 3.902   14.009  1.00 146.28 ? 37 ILE 9 CG2 1 
ATOM 250 C CD1 . ILE A 1 37 ? -7.541  3.285   13.139  1.00 108.61 ? 37 ILE 9 CD1 1 
ATOM 251 N N   . GLN A 1 38 ? -8.200  7.908   12.939  1.00 125.12 ? 38 GLN 9 N   1 
ATOM 252 C CA  . GLN A 1 38 ? -7.269  9.009   13.180  1.00 136.28 ? 38 GLN 9 CA  1 
ATOM 253 C C   . GLN A 1 38 ? -8.013  10.339  13.288  1.00 132.38 ? 38 GLN 9 C   1 
ATOM 254 O O   . GLN A 1 38 ? -7.798  11.090  14.235  1.00 110.23 ? 38 GLN 9 O   1 
ATOM 255 C CB  . GLN A 1 38 ? -6.235  9.056   12.053  1.00 157.44 ? 38 GLN 9 CB  1 
ATOM 256 C CG  . GLN A 1 38 ? -5.345  10.291  11.980  1.00 188.39 ? 38 GLN 9 CG  1 
ATOM 257 C CD  . GLN A 1 38 ? -4.434  10.267  10.770  1.00 200.37 ? 38 GLN 9 CD  1 
ATOM 258 O OE1 . GLN A 1 38 ? -3.888  9.223   10.391  1.00 205.85 ? 38 GLN 9 OE1 1 
ATOM 259 N NE2 . GLN A 1 38 ? -4.269  11.425  10.149  1.00 203.51 ? 38 GLN 9 NE2 1 
ATOM 260 N N   . GLY A 1 39 ? -8.851  10.624  12.284  1.00 143.84 ? 39 GLY 9 N   1 
ATOM 261 C CA  . GLY A 1 39 ? -9.669  11.824  12.238  1.00 147.52 ? 39 GLY 9 CA  1 
ATOM 262 C C   . GLY A 1 39 ? -10.665 11.887  13.385  1.00 137.87 ? 39 GLY 9 C   1 
ATOM 263 O O   . GLY A 1 39 ? -10.957 12.968  13.898  1.00 152.88 ? 39 GLY 9 O   1 
ATOM 264 N N   . PHE A 1 40 ? -11.164 10.712  13.772  1.00 117.33 ? 40 PHE 9 N   1 
ATOM 265 C CA  . PHE A 1 40 ? -12.047 10.601  14.914  1.00 118.27 ? 40 PHE 9 CA  1 
ATOM 266 C C   . PHE A 1 40 ? -11.271 10.733  16.232  1.00 118.23 ? 40 PHE 9 C   1 
ATOM 267 O O   . PHE A 1 40 ? -11.823 11.232  17.212  1.00 119.02 ? 40 PHE 9 O   1 
ATOM 268 C CB  . PHE A 1 40 ? -12.856 9.322   14.694  1.00 105.84 ? 40 PHE 9 CB  1 
ATOM 269 C CG  . PHE A 1 40 ? -13.726 9.055   15.898  1.00 101.87 ? 40 PHE 9 CG  1 
ATOM 270 C CD1 . PHE A 1 40 ? -13.476 7.954   16.695  1.00 113.41 ? 40 PHE 9 CD1 1 
ATOM 271 C CD2 . PHE A 1 40 ? -14.674 9.981   16.315  1.00 101.49 ? 40 PHE 9 CD2 1 
ATOM 272 C CE1 . PHE A 1 40 ? -14.223 7.741   17.832  1.00 113.74 ? 40 PHE 9 CE1 1 
ATOM 273 C CE2 . PHE A 1 40 ? -15.408 9.765   17.468  1.00 101.18 ? 40 PHE 9 CE2 1 
ATOM 274 C CZ  . PHE A 1 40 ? -15.177 8.642   18.217  1.00 103.51 ? 40 PHE 9 CZ  1 
ATOM 275 N N   . LYS A 1 41 ? -10.004 10.293  16.261  1.00 122.33 ? 41 LYS 9 N   1 
ATOM 276 C CA  . LYS A 1 41 ? -9.110  10.487  17.400  1.00 119.80 ? 41 LYS 9 CA  1 
ATOM 277 C C   . LYS A 1 41 ? -8.843  11.976  17.616  1.00 98.27  ? 41 LYS 9 C   1 
ATOM 278 O O   . LYS A 1 41 ? -8.971  12.465  18.735  1.00 77.14  ? 41 LYS 9 O   1 
ATOM 279 C CB  . LYS A 1 41 ? -7.828  9.655   17.219  1.00 130.61 ? 41 LYS 9 CB  1 
ATOM 280 C CG  . LYS A 1 41 ? -6.631  9.973   18.107  1.00 137.27 ? 41 LYS 9 CG  1 
ATOM 281 C CD  . LYS A 1 41 ? -6.860  9.815   19.604  1.00 149.70 ? 41 LYS 9 CD  1 
ATOM 282 C CE  . LYS A 1 41 ? -5.788  10.500  20.405  1.00 162.21 ? 41 LYS 9 CE  1 
ATOM 283 N NZ  . LYS A 1 41 ? -5.714  10.051  21.799  1.00 162.95 ? 41 LYS 9 NZ  1 
ATOM 284 N N   . MET A 1 42 ? -8.500  12.682  16.529  1.00 112.69 ? 42 MET 9 N   1 
ATOM 285 C CA  . MET A 1 42 ? -8.222  14.113  16.562  1.00 135.73 ? 42 MET 9 CA  1 
ATOM 286 C C   . MET A 1 42 ? -9.464  14.937  16.915  1.00 112.72 ? 42 MET 9 C   1 
ATOM 287 O O   . MET A 1 42 ? -9.323  16.095  17.310  1.00 90.29  ? 42 MET 9 O   1 
ATOM 288 C CB  . MET A 1 42 ? -7.689  14.616  15.210  1.00 165.11 ? 42 MET 9 CB  1 
ATOM 289 C CG  . MET A 1 42 ? -6.359  14.008  14.765  1.00 174.43 ? 42 MET 9 CG  1 
ATOM 290 S SD  . MET A 1 42 ? -4.945  14.409  15.815  1.00 178.74 ? 42 MET 9 SD  1 
ATOM 291 C CE  . MET A 1 42 ? -4.500  16.034  15.192  1.00 169.29 ? 42 MET 9 CE  1 
ATOM 292 N N   . ALA A 1 43 ? -10.661 14.359  16.721  1.00 108.70 ? 43 ALA 9 N   1 
ATOM 293 C CA  . ALA A 1 43 ? -11.909 14.997  17.105  1.00 114.92 ? 43 ALA 9 CA  1 
ATOM 294 C C   . ALA A 1 43 ? -11.911 15.307  18.601  1.00 113.66 ? 43 ALA 9 C   1 
ATOM 295 O O   . ALA A 1 43 ? -12.016 16.473  18.987  1.00 113.67 ? 43 ALA 9 O   1 
ATOM 296 C CB  . ALA A 1 43 ? -13.093 14.141  16.703  1.00 105.28 ? 43 ALA 9 CB  1 
ATOM 297 N N   . TRP A 1 44 ? -11.751 14.269  19.429  1.00 105.33 ? 44 TRP 9 N   1 
ATOM 298 C CA  . TRP A 1 44 ? -11.757 14.462  20.867  1.00 103.10 ? 44 TRP 9 CA  1 
ATOM 299 C C   . TRP A 1 44 ? -10.436 15.051  21.368  1.00 105.75 ? 44 TRP 9 C   1 
ATOM 300 O O   . TRP A 1 44 ? -10.424 15.614  22.458  1.00 108.16 ? 44 TRP 9 O   1 
ATOM 301 C CB  . TRP A 1 44 ? -12.146 13.175  21.604  1.00 107.81 ? 44 TRP 9 CB  1 
ATOM 302 C CG  . TRP A 1 44 ? -11.118 12.079  21.722  1.00 116.64 ? 44 TRP 9 CG  1 
ATOM 303 C CD1 . TRP A 1 44 ? -9.998  12.061  22.500  1.00 121.21 ? 44 TRP 9 CD1 1 
ATOM 304 C CD2 . TRP A 1 44 ? -11.210 10.765  21.132  1.00 121.83 ? 44 TRP 9 CD2 1 
ATOM 305 N NE1 . TRP A 1 44 ? -9.349  10.862  22.381  1.00 119.87 ? 44 TRP 9 NE1 1 
ATOM 306 C CE2 . TRP A 1 44 ? -10.078 10.037  21.568  1.00 118.28 ? 44 TRP 9 CE2 1 
ATOM 307 C CE3 . TRP A 1 44 ? -12.130 10.132  20.283  1.00 124.74 ? 44 TRP 9 CE3 1 
ATOM 308 C CZ2 . TRP A 1 44 ? -9.847  8.718   21.177  1.00 118.30 ? 44 TRP 9 CZ2 1 
ATOM 309 C CZ3 . TRP A 1 44 ? -11.909 8.820   19.925  1.00 115.86 ? 44 TRP 9 CZ3 1 
ATOM 310 C CH2 . TRP A 1 44 ? -10.786 8.122   20.364  1.00 114.61 ? 44 TRP 9 CH2 1 
ATOM 311 N N   . SER A 1 45 ? -9.339  14.904  20.598  1.00 109.72 ? 45 SER 9 N   1 
ATOM 312 C CA  . SER A 1 45 ? -7.991  15.215  21.063  1.00 114.06 ? 45 SER 9 CA  1 
ATOM 313 C C   . SER A 1 45 ? -7.830  16.684  21.436  1.00 107.39 ? 45 SER 9 C   1 
ATOM 314 O O   . SER A 1 45 ? -7.156  16.978  22.420  1.00 104.06 ? 45 SER 9 O   1 
ATOM 315 C CB  . SER A 1 45 ? -6.934  14.840  20.052  1.00 124.59 ? 45 SER 9 CB  1 
ATOM 316 O OG  . SER A 1 45 ? -5.628  15.058  20.578  1.00 120.07 ? 45 SER 9 OG  1 
ATOM 317 N N   . MET A 1 46 ? -8.384  17.587  20.614  1.00 124.30 ? 46 MET 9 N   1 
ATOM 318 C CA  . MET A 1 46 ? -8.341  19.019  20.898  1.00 138.54 ? 46 MET 9 CA  1 
ATOM 319 C C   . MET A 1 46 ? -9.132  19.286  22.183  1.00 121.19 ? 46 MET 9 C   1 
ATOM 320 O O   . MET A 1 46 ? -8.638  19.947  23.094  1.00 110.98 ? 46 MET 9 O   1 
ATOM 321 C CB  . MET A 1 46 ? -8.805  19.868  19.689  1.00 147.88 ? 46 MET 9 CB  1 
ATOM 322 C CG  . MET A 1 46 ? -10.322 20.115  19.522  1.00 125.67 ? 46 MET 9 CG  1 
ATOM 323 S SD  . MET A 1 46 ? -10.840 21.067  18.073  1.00 85.93  ? 46 MET 9 SD  1 
ATOM 324 C CE  . MET A 1 46 ? -10.704 19.937  16.682  1.00 76.23  ? 46 MET 9 CE  1 
ATOM 325 N N   . ILE A 1 47 ? -10.318 18.676  22.264  1.00 125.68 ? 47 ILE 9 N   1 
ATOM 326 C CA  . ILE A 1 47 ? -11.288 18.909  23.324  1.00 139.98 ? 47 ILE 9 CA  1 
ATOM 327 C C   . ILE A 1 47 ? -11.040 18.008  24.540  1.00 158.44 ? 47 ILE 9 C   1 
ATOM 328 O O   . ILE A 1 47 ? -11.849 18.001  25.459  1.00 140.71 ? 47 ILE 9 O   1 
ATOM 329 C CB  . ILE A 1 47 ? -12.719 18.792  22.760  1.00 145.25 ? 47 ILE 9 CB  1 
ATOM 330 C CG1 . ILE A 1 47 ? -13.008 17.408  22.141  1.00 130.39 ? 47 ILE 9 CG1 1 
ATOM 331 C CG2 . ILE A 1 47 ? -12.992 19.918  21.761  1.00 166.78 ? 47 ILE 9 CG2 1 
ATOM 332 C CD1 . ILE A 1 47 ? -14.328 17.270  21.410  1.00 130.96 ? 47 ILE 9 CD1 1 
ATOM 333 N N   . LYS A 1 48 ? -9.925  17.256  24.565  1.00 194.69 ? 48 LYS 9 N   1 
ATOM 334 C CA  . LYS A 1 48 ? -9.271  16.867  25.809  1.00 218.53 ? 48 LYS 9 CA  1 
ATOM 335 C C   . LYS A 1 48 ? -8.624  18.109  26.422  1.00 228.25 ? 48 LYS 9 C   1 
ATOM 336 O O   . LYS A 1 48 ? -8.930  18.465  27.560  1.00 217.01 ? 48 LYS 9 O   1 
ATOM 337 C CB  . LYS A 1 48 ? -8.227  15.764  25.569  1.00 235.82 ? 48 LYS 9 CB  1 
ATOM 338 C CG  . LYS A 1 48 ? -7.375  15.300  26.764  1.00 245.52 ? 48 LYS 9 CG  1 
ATOM 339 C CD  . LYS A 1 48 ? -6.114  14.528  26.377  1.00 250.06 ? 48 LYS 9 CD  1 
ATOM 340 C CE  . LYS A 1 48 ? -5.104  14.406  27.486  1.00 247.94 ? 48 LYS 9 CE  1 
ATOM 341 N NZ  . LYS A 1 48 ? -4.318  15.626  27.702  1.00 238.92 ? 48 LYS 9 NZ  1 
ATOM 342 N N   . SER A 1 49 ? -7.757  18.771  25.633  1.00 254.57 ? 49 SER 9 N   1 
ATOM 343 C CA  . SER A 1 49 ? -6.958  19.911  26.067  1.00 274.89 ? 49 SER 9 CA  1 
ATOM 344 C C   . SER A 1 49 ? -7.710  21.246  25.959  1.00 283.22 ? 49 SER 9 C   1 
ATOM 345 O O   . SER A 1 49 ? -7.072  22.296  26.055  1.00 294.91 ? 49 SER 9 O   1 
ATOM 346 C CB  . SER A 1 49 ? -5.657  19.963  25.283  1.00 275.45 ? 49 SER 9 CB  1 
ATOM 347 O OG  . SER A 1 49 ? -4.737  20.887  25.854  1.00 271.83 ? 49 SER 9 OG  1 
ATOM 348 N N   . VAL A 1 50 ? -9.041  21.217  25.740  1.00 259.96 ? 50 VAL 9 N   1 
ATOM 349 C CA  . VAL A 1 50 ? -9.892  22.397  25.837  1.00 231.22 ? 50 VAL 9 CA  1 
ATOM 350 C C   . VAL A 1 50 ? -9.798  22.993  27.247  1.00 257.13 ? 50 VAL 9 C   1 
ATOM 351 O O   . VAL A 1 50 ? -9.529  24.188  27.370  1.00 267.76 ? 50 VAL 9 O   1 
ATOM 352 C CB  . VAL A 1 50 ? -11.353 22.161  25.378  1.00 182.06 ? 50 VAL 9 CB  1 
ATOM 353 C CG1 . VAL A 1 50 ? -12.085 21.045  26.107  1.00 156.48 ? 50 VAL 9 CG1 1 
ATOM 354 C CG2 . VAL A 1 50 ? -12.177 23.431  25.453  1.00 179.55 ? 50 VAL 9 CG2 1 
ATOM 355 N N   . LYS A 1 51 ? -9.979  22.158  28.288  1.00 279.60 ? 51 LYS 9 N   1 
ATOM 356 C CA  . LYS A 1 51 ? -9.765  22.531  29.685  1.00 294.49 ? 51 LYS 9 CA  1 
ATOM 357 C C   . LYS A 1 51 ? -10.626 23.753  30.061  1.00 294.62 ? 51 LYS 9 C   1 
ATOM 358 O O   . LYS A 1 51 ? -11.270 23.701  31.131  1.00 279.41 ? 51 LYS 9 O   1 
ATOM 359 C CB  . LYS A 1 51 ? -8.276  22.791  29.957  1.00 305.38 ? 51 LYS 9 CB  1 
ATOM 360 C CG  . LYS A 1 51 ? -7.835  22.781  31.424  1.00 303.90 ? 51 LYS 9 CG  1 
ATOM 361 C CD  . LYS A 1 51 ? -7.940  24.107  32.172  1.00 303.03 ? 51 LYS 9 CD  1 
ATOM 362 C CE  . LYS A 1 51 ? -7.408  24.016  33.569  1.00 298.20 ? 51 LYS 9 CE  1 
ATOM 363 N NZ  . LYS A 1 51 ? -7.434  25.310  34.255  1.00 296.77 ? 51 LYS 9 NZ  1 
# 
